data_7VKT
#
_entry.id   7VKT
#
_cell.length_a   1.00
_cell.length_b   1.00
_cell.length_c   1.00
_cell.angle_alpha   90.00
_cell.angle_beta   90.00
_cell.angle_gamma   90.00
#
_symmetry.space_group_name_H-M   'P 1'
#
loop_
_entity.id
_entity.type
_entity.pdbx_description
1 polymer 'Leukotriene B4 receptor 1'
2 polymer 'Guanine nucleotide-binding protein G(i) subunit alpha-1'
3 polymer 'Guanine nucleotide-binding protein G(I)/G(S)/G(T) subunit beta-1'
4 polymer 'Guanine nucleotide-binding protein G(I)/G(S)/G(O) subunit gamma-2'
5 polymer scFv16
6 non-polymer 'LEUKOTRIENE B4'
7 non-polymer 'CHOLESTEROL HEMISUCCINATE'
8 non-polymer '[(2R)-2-[(Z)-hexadec-9-enoyl]oxy-3-[oxidanyl-[(2S,3R,5R,6S)-2,3,4,5,6-pentakis(oxidanyl)cyclohexyl]oxy-phosphoryl]oxy-propyl] octadecanoate'
9 water water
#
loop_
_entity_poly.entity_id
_entity_poly.type
_entity_poly.pdbx_seq_one_letter_code
_entity_poly.pdbx_strand_id
1 'polypeptide(L)'
;MNTTSSAAPPSLGVEFISLLAIILLSVALAVGLPGNSFVVWSILKRMQKRSVTALMVLNLALADLAVLLTAPFFLHFLAQ
GTWSFGLAGCRLCHYVCGVSMYASVWLITAMSLDRSLAVARPFVSQKLRTKAMARRVLAGIWVLSFLLATPVLAYRTVVP
WKTNMSLCFPRYPSEGHRAFHLIFEAVTGFLLPFLIVVASYSDIGRRLQARRFRRSRRTGRLVVLIILTFAAFWLPYHVV
NLAEAGRALAGQAAGLGLVGKRLSLARNVLIALAFLSSSVNPVLYAFAGGGLLRSAGVGFVAKLLEGTGAEASSTRRGGS
LGQTARSGPAALEPGPSESLTASSPLKLNELN
;
A
2 'polypeptide(L)'
;MGCTLSAEDKAAVERSKMIDRNLREDGEKAAREVKLLLLGAGESGKNTIVKQMKIIHEAGYSEEECKQYKAVVYSNTIQS
IIAIIRAMGRLKIDFGDSARADDARQLFVLAGAAEEGFMTAELAGVIKRLWKDSGVQACFNRSREYQLNDSAAYYLNDLD
RIAQPNYIPTQQDVLRTRVKTTGIVETHFTFKDLHFKMFDVGAQRSERKKWIHCFEGVTAIIFCVALSDYDLVLAEDEEM
NRMHASMKLFDSICNNKWFTDTSIILFLNKKDLFEEKIKKSPLTICYPEYAGSNTYEEAAAYIQCQFEDLNKRKDTKEIY
THFTCSTDTKNVQFVFDAVTDVIIKNNLKDCGLF
;
B
3 'polypeptide(L)'
;MGSLLQSELDQLRQEAEQLKNQIRDARKACADATLSQITNNIDPVGRIQMRTRRTLRGHLAKIYAMHWGTDSRLLVSASQ
DGKLIIWDSYTTNKVHAIPLRSSWVMTCAYAPSGNYVACGGLDNICSIYNLKTREGNVRVSRELAGHTGYLSCCRFLDDN
QIVTSSGDTTCALWDIETGQQTTTFTGHTGDVMSLSLAPDTRLFVSGACDASAKLWDVREGMCRQTFTGHESDINAICFF
PNGNAFATGSDDATCRLFDLRADQELMTYSHDNIICGITSVSFSKSGRLLLAGYDDFNCNVWDALKADRAGVLAGHDNRV
SCLGVTDDGMAVATGSWDSFLKIWN
;
C
4 'polypeptide(L)' MASNNTASIAQARKLVEQLKMEANIDRIKVSKAAADLMAYCEAHAKEDPLLTPVPASENPFREKKFFCAIL D
5 'polypeptide(L)'
;VQLVESGGGLVQPGGSRKLSCSASGFAFSSFGMHWVRQAPEKGLEWVAYISSGSGTIYYADTVKGRFTISRDDPKNTLFL
QMTSLRSEDTAMYYCVRSIYYYGSSPFDFWGQGTTLTVSAGGGGSGGGGSGGGGSADIVMTQATSSVPVTPGESVSISCR
SSKSLLHSNGNTYLYWFLQRPGQSPQLLIYRMSNLASGVPDRFSGSGSGTAFTLTISRLEAEDVGVYYCMQHLEYPLTFG
AGTKLEL
;
E
#
loop_
_chem_comp.id
_chem_comp.type
_chem_comp.name
_chem_comp.formula
8IO non-polymer '[(2R)-2-[(Z)-hexadec-9-enoyl]oxy-3-[oxidanyl-[(2S,3R,5R,6S)-2,3,4,5,6-pentakis(oxidanyl)cyclohexyl]oxy-phosphoryl]oxy-propyl] octadecanoate' 'C43 H81 O13 P'
LTB non-polymer 'LEUKOTRIENE B4' 'C20 H32 O4'
Y01 non-polymer 'CHOLESTEROL HEMISUCCINATE' 'C31 H50 O4'
#
# COMPACT_ATOMS: atom_id res chain seq x y z
N GLU A 15 -36.11 -52.53 4.37
CA GLU A 15 -35.77 -52.00 5.69
C GLU A 15 -34.27 -51.71 5.78
N PHE A 16 -33.51 -52.21 4.81
CA PHE A 16 -32.08 -51.90 4.75
C PHE A 16 -31.82 -50.49 4.29
N ILE A 17 -32.76 -49.90 3.53
CA ILE A 17 -32.58 -48.57 2.97
C ILE A 17 -32.39 -47.54 4.08
N SER A 18 -33.19 -47.64 5.14
CA SER A 18 -33.09 -46.67 6.23
C SER A 18 -31.70 -46.71 6.87
N LEU A 19 -31.20 -47.91 7.17
CA LEU A 19 -29.89 -48.03 7.78
C LEU A 19 -28.79 -47.50 6.85
N LEU A 20 -28.88 -47.85 5.57
CA LEU A 20 -27.89 -47.38 4.60
C LEU A 20 -27.85 -45.85 4.56
N ALA A 21 -29.03 -45.24 4.40
CA ALA A 21 -29.09 -43.78 4.29
C ALA A 21 -28.63 -43.11 5.58
N ILE A 22 -28.98 -43.68 6.73
CA ILE A 22 -28.55 -43.09 8.00
C ILE A 22 -27.03 -43.12 8.12
N ILE A 23 -26.42 -44.26 7.77
CA ILE A 23 -24.97 -44.36 7.83
C ILE A 23 -24.33 -43.34 6.88
N LEU A 24 -24.83 -43.28 5.65
CA LEU A 24 -24.24 -42.37 4.66
C LEU A 24 -24.33 -40.92 5.12
N LEU A 25 -25.50 -40.50 5.60
CA LEU A 25 -25.67 -39.11 5.99
C LEU A 25 -24.86 -38.77 7.24
N SER A 26 -24.76 -39.71 8.19
CA SER A 26 -23.93 -39.48 9.36
C SER A 26 -22.47 -39.29 8.98
N VAL A 27 -21.96 -40.14 8.09
CA VAL A 27 -20.59 -40.00 7.63
C VAL A 27 -20.40 -38.67 6.90
N ALA A 28 -21.35 -38.31 6.05
CA ALA A 28 -21.25 -37.07 5.30
C ALA A 28 -21.18 -35.86 6.22
N LEU A 29 -22.06 -35.81 7.23
CA LEU A 29 -22.02 -34.72 8.18
C LEU A 29 -20.68 -34.68 8.93
N ALA A 30 -20.28 -35.82 9.49
CA ALA A 30 -19.08 -35.86 10.32
C ALA A 30 -17.82 -35.52 9.52
N VAL A 31 -17.84 -35.75 8.21
CA VAL A 31 -16.68 -35.42 7.39
C VAL A 31 -16.73 -33.98 6.89
N GLY A 32 -17.91 -33.48 6.52
CA GLY A 32 -18.02 -32.20 5.86
C GLY A 32 -18.37 -31.00 6.69
N LEU A 33 -18.66 -31.16 7.98
CA LEU A 33 -18.90 -29.93 8.76
C LEU A 33 -17.59 -29.22 9.12
N PRO A 34 -16.63 -29.89 9.78
CA PRO A 34 -15.43 -29.15 10.24
C PRO A 34 -14.62 -28.53 9.12
N GLY A 35 -14.51 -29.19 7.96
CA GLY A 35 -13.68 -28.65 6.89
C GLY A 35 -14.23 -27.35 6.34
N ASN A 36 -15.53 -27.32 6.04
CA ASN A 36 -16.15 -26.09 5.55
C ASN A 36 -16.11 -25.00 6.61
N SER A 37 -16.34 -25.36 7.88
CA SER A 37 -16.27 -24.36 8.95
C SER A 37 -14.88 -23.73 9.01
N PHE A 38 -13.84 -24.57 8.97
CA PHE A 38 -12.47 -24.07 9.06
C PHE A 38 -12.12 -23.21 7.86
N VAL A 39 -12.53 -23.62 6.66
CA VAL A 39 -12.23 -22.83 5.46
C VAL A 39 -12.87 -21.45 5.56
N VAL A 40 -14.16 -21.41 5.93
CA VAL A 40 -14.85 -20.14 6.03
C VAL A 40 -14.20 -19.24 7.08
N TRP A 41 -13.88 -19.80 8.24
CA TRP A 41 -13.27 -19.01 9.30
C TRP A 41 -11.93 -18.44 8.85
N SER A 42 -11.08 -19.29 8.27
CA SER A 42 -9.75 -18.84 7.86
C SER A 42 -9.84 -17.72 6.83
N ILE A 43 -10.62 -17.93 5.76
CA ILE A 43 -10.68 -16.92 4.71
C ILE A 43 -11.27 -15.62 5.25
N LEU A 44 -12.33 -15.69 6.06
CA LEU A 44 -13.01 -14.48 6.46
C LEU A 44 -12.28 -13.71 7.56
N LYS A 45 -11.55 -14.40 8.45
CA LYS A 45 -11.03 -13.74 9.64
C LYS A 45 -9.54 -13.92 9.86
N ARG A 46 -8.79 -14.41 8.88
CA ARG A 46 -7.35 -14.53 9.05
C ARG A 46 -6.52 -14.09 7.85
N MET A 47 -7.12 -13.58 6.79
CA MET A 47 -6.39 -13.06 5.65
C MET A 47 -6.57 -11.55 5.57
N GLN A 48 -5.46 -10.83 5.49
CA GLN A 48 -5.46 -9.39 5.33
C GLN A 48 -5.79 -8.96 3.90
N LYS A 49 -5.80 -9.90 2.95
CA LYS A 49 -6.09 -9.59 1.56
C LYS A 49 -6.53 -10.88 0.86
N ARG A 50 -7.46 -10.74 -0.08
CA ARG A 50 -7.99 -11.89 -0.81
C ARG A 50 -8.07 -11.52 -2.28
N SER A 51 -7.40 -12.29 -3.14
CA SER A 51 -7.29 -11.84 -4.52
C SER A 51 -8.47 -12.21 -5.40
N VAL A 52 -8.54 -13.46 -5.86
CA VAL A 52 -9.72 -13.92 -6.60
C VAL A 52 -10.10 -15.32 -6.12
N THR A 53 -9.11 -16.22 -6.14
CA THR A 53 -9.37 -17.63 -5.82
C THR A 53 -9.94 -17.79 -4.43
N ALA A 54 -9.52 -16.95 -3.48
CA ALA A 54 -10.04 -17.02 -2.12
C ALA A 54 -11.55 -16.81 -2.11
N LEU A 55 -12.03 -15.86 -2.92
CA LEU A 55 -13.46 -15.59 -2.98
C LEU A 55 -14.24 -16.81 -3.47
N MET A 56 -13.71 -17.50 -4.48
CA MET A 56 -14.44 -18.63 -5.06
C MET A 56 -14.40 -19.84 -4.14
N VAL A 57 -13.28 -20.06 -3.44
CA VAL A 57 -13.25 -21.13 -2.45
C VAL A 57 -14.21 -20.81 -1.30
N LEU A 58 -14.33 -19.53 -0.94
CA LEU A 58 -15.28 -19.15 0.10
C LEU A 58 -16.71 -19.41 -0.32
N ASN A 59 -17.07 -19.05 -1.56
CA ASN A 59 -18.42 -19.33 -2.04
C ASN A 59 -18.70 -20.83 -2.10
N LEU A 60 -17.69 -21.62 -2.51
CA LEU A 60 -17.87 -23.07 -2.52
C LEU A 60 -18.14 -23.60 -1.12
N ALA A 61 -17.40 -23.10 -0.12
CA ALA A 61 -17.62 -23.52 1.25
C ALA A 61 -19.02 -23.11 1.74
N LEU A 62 -19.47 -21.92 1.36
CA LEU A 62 -20.80 -21.46 1.78
C LEU A 62 -21.90 -22.35 1.18
N ALA A 63 -21.79 -22.66 -0.11
CA ALA A 63 -22.77 -23.55 -0.73
C ALA A 63 -22.72 -24.94 -0.11
N ASP A 64 -21.53 -25.44 0.21
CA ASP A 64 -21.41 -26.74 0.83
C ASP A 64 -22.09 -26.78 2.20
N LEU A 65 -21.90 -25.73 3.00
CA LEU A 65 -22.58 -25.67 4.30
C LEU A 65 -24.09 -25.56 4.12
N ALA A 66 -24.54 -24.79 3.13
CA ALA A 66 -25.98 -24.68 2.89
C ALA A 66 -26.58 -26.03 2.54
N VAL A 67 -25.85 -26.85 1.77
CA VAL A 67 -26.31 -28.22 1.51
C VAL A 67 -26.32 -29.04 2.79
N LEU A 68 -25.22 -29.00 3.54
CA LEU A 68 -25.03 -29.92 4.66
C LEU A 68 -25.87 -29.56 5.88
N LEU A 69 -26.42 -28.36 5.94
CA LEU A 69 -27.10 -27.90 7.14
C LEU A 69 -28.56 -28.32 7.21
N THR A 70 -29.10 -28.95 6.17
CA THR A 70 -30.49 -29.41 6.15
C THR A 70 -30.61 -30.92 6.25
N ALA A 71 -29.57 -31.58 6.74
CA ALA A 71 -29.57 -33.03 6.90
C ALA A 71 -30.34 -33.51 8.13
N PRO A 72 -30.26 -32.85 9.30
CA PRO A 72 -30.97 -33.37 10.47
C PRO A 72 -32.44 -33.60 10.27
N PHE A 73 -33.12 -32.76 9.47
CA PHE A 73 -34.52 -33.01 9.17
C PHE A 73 -34.70 -34.34 8.45
N PHE A 74 -33.83 -34.64 7.50
CA PHE A 74 -33.98 -35.90 6.75
C PHE A 74 -33.60 -37.10 7.61
N LEU A 75 -32.61 -36.96 8.49
CA LEU A 75 -32.34 -38.04 9.43
C LEU A 75 -33.53 -38.27 10.36
N HIS A 76 -34.18 -37.19 10.80
CA HIS A 76 -35.37 -37.34 11.63
C HIS A 76 -36.48 -38.06 10.88
N PHE A 77 -36.71 -37.70 9.62
CA PHE A 77 -37.74 -38.37 8.83
C PHE A 77 -37.39 -39.84 8.59
N LEU A 78 -36.10 -40.16 8.47
CA LEU A 78 -35.71 -41.55 8.28
C LEU A 78 -35.82 -42.36 9.56
N ALA A 79 -35.61 -41.72 10.71
CA ALA A 79 -35.61 -42.43 11.98
C ALA A 79 -37.01 -42.59 12.56
N GLN A 80 -37.69 -41.47 12.80
CA GLN A 80 -39.00 -41.52 13.46
C GLN A 80 -40.08 -42.08 12.55
N GLY A 81 -39.84 -42.18 11.24
CA GLY A 81 -40.80 -42.77 10.33
C GLY A 81 -41.99 -41.90 9.98
N THR A 82 -41.97 -40.62 10.33
CA THR A 82 -43.08 -39.73 10.00
C THR A 82 -42.56 -38.32 9.84
N TRP A 83 -43.34 -37.50 9.14
CA TRP A 83 -42.98 -36.12 8.85
C TRP A 83 -43.57 -35.22 9.93
N SER A 84 -42.73 -34.82 10.88
CA SER A 84 -43.15 -33.99 12.01
C SER A 84 -42.68 -32.55 11.87
N PHE A 85 -42.69 -32.02 10.64
CA PHE A 85 -42.25 -30.65 10.39
C PHE A 85 -43.21 -29.84 9.53
N GLY A 86 -44.22 -30.46 8.92
CA GLY A 86 -45.24 -29.73 8.21
C GLY A 86 -44.87 -29.34 6.80
N LEU A 87 -45.88 -28.80 6.11
CA LEU A 87 -45.74 -28.46 4.69
C LEU A 87 -44.69 -27.38 4.48
N ALA A 88 -44.71 -26.34 5.33
CA ALA A 88 -43.73 -25.27 5.19
C ALA A 88 -42.32 -25.78 5.40
N GLY A 89 -42.13 -26.64 6.40
CA GLY A 89 -40.81 -27.21 6.62
C GLY A 89 -40.33 -28.04 5.44
N CYS A 90 -41.20 -28.88 4.90
CA CYS A 90 -40.82 -29.72 3.77
C CYS A 90 -40.41 -28.86 2.57
N ARG A 91 -41.25 -27.87 2.22
CA ARG A 91 -40.96 -27.04 1.07
C ARG A 91 -39.68 -26.22 1.27
N LEU A 92 -39.48 -25.69 2.48
CA LEU A 92 -38.28 -24.89 2.73
C LEU A 92 -37.02 -25.73 2.63
N CYS A 93 -37.05 -26.94 3.24
CA CYS A 93 -35.88 -27.81 3.18
C CYS A 93 -35.53 -28.16 1.74
N HIS A 94 -36.55 -28.51 0.94
CA HIS A 94 -36.26 -28.96 -0.41
C HIS A 94 -35.79 -27.81 -1.29
N TYR A 95 -36.37 -26.62 -1.13
CA TYR A 95 -35.90 -25.46 -1.87
C TYR A 95 -34.45 -25.13 -1.53
N VAL A 96 -34.11 -25.16 -0.24
CA VAL A 96 -32.74 -24.84 0.17
C VAL A 96 -31.76 -25.83 -0.44
N CYS A 97 -32.08 -27.12 -0.35
CA CYS A 97 -31.18 -28.15 -0.89
C CYS A 97 -30.98 -27.97 -2.38
N GLY A 98 -32.07 -27.76 -3.13
CA GLY A 98 -31.94 -27.61 -4.57
C GLY A 98 -31.07 -26.42 -4.94
N VAL A 99 -31.33 -25.27 -4.31
CA VAL A 99 -30.57 -24.06 -4.62
C VAL A 99 -29.09 -24.28 -4.36
N SER A 100 -28.77 -24.85 -3.20
CA SER A 100 -27.36 -24.98 -2.83
C SER A 100 -26.63 -25.99 -3.71
N MET A 101 -27.30 -27.10 -4.07
CA MET A 101 -26.67 -28.08 -4.95
C MET A 101 -26.35 -27.47 -6.32
N TYR A 102 -27.32 -26.73 -6.89
CA TYR A 102 -27.07 -26.11 -8.19
C TYR A 102 -25.91 -25.11 -8.10
N ALA A 103 -25.89 -24.31 -7.04
CA ALA A 103 -24.82 -23.33 -6.89
C ALA A 103 -23.45 -24.00 -6.80
N SER A 104 -23.34 -25.10 -6.04
CA SER A 104 -22.06 -25.78 -5.91
C SER A 104 -21.58 -26.31 -7.26
N VAL A 105 -22.47 -26.99 -7.99
CA VAL A 105 -22.08 -27.57 -9.27
C VAL A 105 -21.58 -26.49 -10.23
N TRP A 106 -22.32 -25.38 -10.32
CA TRP A 106 -21.90 -24.38 -11.30
C TRP A 106 -20.70 -23.57 -10.84
N LEU A 107 -20.43 -23.47 -9.53
CA LEU A 107 -19.16 -22.90 -9.10
C LEU A 107 -18.00 -23.77 -9.54
N ILE A 108 -18.15 -25.10 -9.46
CA ILE A 108 -17.13 -26.01 -9.97
C ILE A 108 -16.86 -25.74 -11.45
N THR A 109 -17.94 -25.64 -12.23
CA THR A 109 -17.79 -25.43 -13.68
C THR A 109 -17.09 -24.09 -13.97
N ALA A 110 -17.44 -23.04 -13.22
CA ALA A 110 -16.81 -21.74 -13.45
C ALA A 110 -15.32 -21.79 -13.15
N MET A 111 -14.92 -22.46 -12.07
CA MET A 111 -13.49 -22.59 -11.79
C MET A 111 -12.77 -23.32 -12.91
N SER A 112 -13.41 -24.37 -13.46
CA SER A 112 -12.80 -25.08 -14.59
C SER A 112 -12.55 -24.15 -15.77
N LEU A 113 -13.57 -23.39 -16.17
CA LEU A 113 -13.41 -22.49 -17.32
C LEU A 113 -12.35 -21.43 -17.05
N ASP A 114 -12.27 -20.94 -15.80
CA ASP A 114 -11.26 -19.95 -15.46
C ASP A 114 -9.85 -20.51 -15.63
N ARG A 115 -9.61 -21.72 -15.12
CA ARG A 115 -8.29 -22.31 -15.30
C ARG A 115 -7.96 -22.54 -16.76
N SER A 116 -8.96 -22.93 -17.56
CA SER A 116 -8.69 -23.12 -18.99
C SER A 116 -8.28 -21.82 -19.66
N LEU A 117 -8.98 -20.72 -19.37
CA LEU A 117 -8.64 -19.44 -19.99
C LEU A 117 -7.29 -18.93 -19.52
N ALA A 118 -6.88 -19.27 -18.29
CA ALA A 118 -5.59 -18.80 -17.81
C ALA A 118 -4.41 -19.36 -18.61
N VAL A 119 -4.63 -20.41 -19.39
CA VAL A 119 -3.56 -21.03 -20.16
C VAL A 119 -3.77 -20.88 -21.67
N ALA A 120 -5.02 -20.83 -22.14
CA ALA A 120 -5.24 -20.65 -23.58
C ALA A 120 -4.76 -19.29 -24.06
N ARG A 121 -5.03 -18.24 -23.29
CA ARG A 121 -4.58 -16.88 -23.60
C ARG A 121 -4.04 -16.25 -22.34
N PRO A 122 -2.71 -16.14 -22.19
CA PRO A 122 -2.14 -15.69 -20.92
C PRO A 122 -2.13 -14.19 -20.72
N PHE A 123 -2.29 -13.39 -21.78
CA PHE A 123 -2.32 -11.94 -21.66
C PHE A 123 -3.72 -11.37 -21.70
N VAL A 124 -4.66 -12.05 -22.37
CA VAL A 124 -6.04 -11.60 -22.38
C VAL A 124 -6.63 -11.70 -20.97
N SER A 125 -6.23 -12.72 -20.22
CA SER A 125 -6.74 -12.92 -18.87
C SER A 125 -6.01 -12.08 -17.83
N GLN A 126 -4.98 -11.33 -18.23
CA GLN A 126 -4.33 -10.41 -17.30
C GLN A 126 -5.18 -9.17 -17.06
N LYS A 127 -5.85 -8.67 -18.11
CA LYS A 127 -6.64 -7.47 -18.03
C LYS A 127 -8.12 -7.73 -17.75
N LEU A 128 -8.52 -8.99 -17.56
CA LEU A 128 -9.89 -9.35 -17.24
C LEU A 128 -10.07 -9.86 -15.83
N ARG A 129 -9.13 -10.65 -15.34
CA ARG A 129 -9.25 -11.31 -14.03
C ARG A 129 -9.09 -10.27 -12.94
N THR A 130 -10.22 -9.75 -12.43
CA THR A 130 -10.21 -8.68 -11.45
C THR A 130 -11.42 -8.83 -10.53
N LYS A 131 -11.42 -8.00 -9.47
CA LYS A 131 -12.40 -8.15 -8.40
C LYS A 131 -13.82 -7.88 -8.88
N ALA A 132 -14.01 -6.81 -9.66
CA ALA A 132 -15.35 -6.38 -10.04
C ALA A 132 -16.06 -7.46 -10.84
N MET A 133 -15.40 -7.99 -11.87
CA MET A 133 -16.04 -9.00 -12.69
C MET A 133 -16.18 -10.33 -11.95
N ALA A 134 -15.27 -10.62 -11.02
CA ALA A 134 -15.45 -11.78 -10.16
C ALA A 134 -16.76 -11.67 -9.37
N ARG A 135 -17.01 -10.50 -8.77
CA ARG A 135 -18.23 -10.33 -7.99
C ARG A 135 -19.48 -10.37 -8.87
N ARG A 136 -19.40 -9.79 -10.06
CA ARG A 136 -20.54 -9.84 -10.97
C ARG A 136 -20.86 -11.28 -11.39
N VAL A 137 -19.82 -12.07 -11.69
CA VAL A 137 -20.01 -13.47 -12.06
C VAL A 137 -20.62 -14.25 -10.90
N LEU A 138 -20.12 -14.02 -9.68
CA LEU A 138 -20.66 -14.73 -8.52
C LEU A 138 -22.13 -14.40 -8.30
N ALA A 139 -22.48 -13.12 -8.42
CA ALA A 139 -23.88 -12.73 -8.26
C ALA A 139 -24.76 -13.38 -9.32
N GLY A 140 -24.30 -13.41 -10.58
CA GLY A 140 -25.06 -14.08 -11.61
C GLY A 140 -25.25 -15.57 -11.33
N ILE A 141 -24.20 -16.22 -10.83
CA ILE A 141 -24.29 -17.66 -10.52
C ILE A 141 -25.34 -17.90 -9.45
N TRP A 142 -25.32 -17.08 -8.39
CA TRP A 142 -26.28 -17.27 -7.31
C TRP A 142 -27.70 -16.98 -7.76
N VAL A 143 -27.90 -15.97 -8.60
CA VAL A 143 -29.23 -15.68 -9.12
C VAL A 143 -29.74 -16.85 -9.95
N LEU A 144 -28.89 -17.40 -10.82
CA LEU A 144 -29.31 -18.55 -11.63
C LEU A 144 -29.63 -19.75 -10.75
N SER A 145 -28.84 -19.97 -9.70
CA SER A 145 -29.13 -21.06 -8.78
C SER A 145 -30.48 -20.90 -8.11
N PHE A 146 -30.81 -19.67 -7.68
CA PHE A 146 -32.12 -19.42 -7.10
C PHE A 146 -33.23 -19.68 -8.11
N LEU A 147 -33.03 -19.26 -9.36
CA LEU A 147 -34.05 -19.45 -10.37
C LEU A 147 -34.28 -20.93 -10.68
N LEU A 148 -33.20 -21.72 -10.70
CA LEU A 148 -33.29 -23.07 -11.28
C LEU A 148 -34.05 -24.04 -10.38
N ALA A 149 -33.92 -23.91 -9.05
CA ALA A 149 -34.53 -24.86 -8.12
C ALA A 149 -36.02 -24.63 -7.91
N THR A 150 -36.68 -23.84 -8.76
CA THR A 150 -38.09 -23.53 -8.58
C THR A 150 -39.00 -24.75 -8.62
N PRO A 151 -38.88 -25.70 -9.58
CA PRO A 151 -39.92 -26.75 -9.68
C PRO A 151 -40.00 -27.69 -8.49
N VAL A 152 -39.17 -27.49 -7.48
CA VAL A 152 -39.24 -28.28 -6.25
C VAL A 152 -40.20 -27.65 -5.24
N LEU A 153 -40.55 -26.38 -5.43
CA LEU A 153 -41.38 -25.64 -4.50
C LEU A 153 -42.86 -25.72 -4.86
N ALA A 154 -43.17 -26.45 -5.93
CA ALA A 154 -44.57 -26.63 -6.39
C ALA A 154 -44.79 -28.08 -6.83
N TYR A 155 -44.30 -29.04 -6.03
CA TYR A 155 -44.46 -30.47 -6.37
C TYR A 155 -44.53 -31.31 -5.08
N ARG A 156 -43.70 -30.96 -4.09
CA ARG A 156 -43.67 -31.71 -2.80
C ARG A 156 -44.86 -31.27 -1.93
N THR A 157 -45.76 -32.21 -1.64
CA THR A 157 -46.95 -31.94 -0.78
C THR A 157 -46.90 -32.84 0.46
N VAL A 158 -48.01 -32.94 1.20
CA VAL A 158 -48.05 -33.78 2.38
C VAL A 158 -49.31 -34.64 2.33
N VAL A 159 -49.14 -35.95 2.53
CA VAL A 159 -50.23 -36.89 2.46
C VAL A 159 -50.11 -37.86 3.63
N PRO A 160 -51.22 -38.27 4.27
CA PRO A 160 -51.14 -39.28 5.31
C PRO A 160 -50.58 -40.59 4.76
N TRP A 161 -49.78 -41.27 5.60
CA TRP A 161 -49.10 -42.50 5.21
C TRP A 161 -49.86 -43.74 5.68
N LYS A 162 -50.08 -43.83 6.98
CA LYS A 162 -50.82 -44.95 7.58
C LYS A 162 -51.69 -44.36 8.67
N THR A 163 -52.20 -45.21 9.56
CA THR A 163 -52.91 -44.72 10.74
C THR A 163 -52.00 -43.81 11.56
N ASN A 164 -52.32 -42.52 11.60
CA ASN A 164 -51.59 -41.48 12.31
C ASN A 164 -50.22 -41.19 11.71
N MET A 165 -49.93 -41.70 10.52
CA MET A 165 -48.65 -41.49 9.84
C MET A 165 -48.84 -40.56 8.65
N SER A 166 -47.88 -39.66 8.44
CA SER A 166 -47.92 -38.72 7.32
C SER A 166 -46.52 -38.55 6.76
N LEU A 167 -46.45 -38.20 5.47
CA LEU A 167 -45.16 -37.97 4.83
C LEU A 167 -45.33 -36.93 3.72
N CYS A 168 -44.24 -36.26 3.37
CA CYS A 168 -44.26 -35.30 2.28
C CYS A 168 -43.44 -35.84 1.11
N PHE A 169 -43.97 -35.66 -0.09
CA PHE A 169 -43.42 -36.25 -1.31
C PHE A 169 -44.04 -35.54 -2.50
N PRO A 170 -43.49 -35.74 -3.70
CA PRO A 170 -44.04 -35.03 -4.87
C PRO A 170 -45.28 -35.69 -5.42
N ARG A 171 -46.24 -34.87 -5.81
CA ARG A 171 -47.47 -35.34 -6.46
C ARG A 171 -47.52 -34.75 -7.86
N TYR A 172 -47.04 -35.50 -8.84
CA TYR A 172 -47.08 -35.05 -10.22
C TYR A 172 -48.50 -35.26 -10.75
N PRO A 173 -49.17 -34.20 -11.21
CA PRO A 173 -50.56 -34.36 -11.66
C PRO A 173 -50.73 -35.29 -12.84
N SER A 174 -49.69 -35.48 -13.65
CA SER A 174 -49.76 -36.35 -14.81
C SER A 174 -48.40 -37.02 -14.98
N GLU A 175 -48.22 -37.69 -16.13
CA GLU A 175 -46.96 -38.34 -16.45
C GLU A 175 -46.00 -37.42 -17.20
N GLY A 176 -46.56 -36.57 -18.07
CA GLY A 176 -45.73 -35.60 -18.78
C GLY A 176 -45.00 -34.67 -17.84
N HIS A 177 -45.67 -34.25 -16.75
CA HIS A 177 -45.01 -33.40 -15.78
C HIS A 177 -43.84 -34.10 -15.12
N ARG A 178 -44.02 -35.38 -14.77
CA ARG A 178 -42.94 -36.15 -14.17
C ARG A 178 -41.76 -36.29 -15.12
N ALA A 179 -42.04 -36.63 -16.37
CA ALA A 179 -40.97 -36.76 -17.35
C ALA A 179 -40.24 -35.44 -17.56
N PHE A 180 -40.99 -34.34 -17.64
CA PHE A 180 -40.37 -33.04 -17.83
C PHE A 180 -39.45 -32.70 -16.66
N HIS A 181 -39.96 -32.85 -15.43
CA HIS A 181 -39.14 -32.50 -14.27
C HIS A 181 -37.87 -33.36 -14.22
N LEU A 182 -38.01 -34.67 -14.45
CA LEU A 182 -36.86 -35.55 -14.32
C LEU A 182 -35.82 -35.27 -15.40
N ILE A 183 -36.25 -35.12 -16.65
CA ILE A 183 -35.32 -34.87 -17.75
C ILE A 183 -34.66 -33.51 -17.59
N PHE A 184 -35.43 -32.49 -17.21
CA PHE A 184 -34.87 -31.15 -17.00
C PHE A 184 -33.82 -31.16 -15.89
N GLU A 185 -34.12 -31.84 -14.78
CA GLU A 185 -33.15 -31.94 -13.70
C GLU A 185 -31.88 -32.65 -14.17
N ALA A 186 -32.03 -33.75 -14.89
CA ALA A 186 -30.86 -34.52 -15.33
C ALA A 186 -30.00 -33.70 -16.28
N VAL A 187 -30.61 -33.00 -17.24
CA VAL A 187 -29.84 -32.24 -18.21
C VAL A 187 -29.16 -31.04 -17.54
N THR A 188 -29.88 -30.31 -16.68
CA THR A 188 -29.34 -29.09 -16.12
C THR A 188 -28.48 -29.32 -14.89
N GLY A 189 -28.38 -30.55 -14.40
CA GLY A 189 -27.62 -30.77 -13.19
C GLY A 189 -26.40 -31.67 -13.33
N PHE A 190 -26.29 -32.42 -14.42
CA PHE A 190 -25.09 -33.25 -14.56
C PHE A 190 -24.40 -33.13 -15.90
N LEU A 191 -25.14 -33.02 -17.00
CA LEU A 191 -24.54 -33.23 -18.32
C LEU A 191 -23.66 -32.06 -18.73
N LEU A 192 -24.23 -30.86 -18.79
CA LEU A 192 -23.46 -29.70 -19.27
C LEU A 192 -22.26 -29.39 -18.39
N PRO A 193 -22.36 -29.33 -17.06
CA PRO A 193 -21.14 -29.13 -16.25
C PRO A 193 -20.08 -30.19 -16.50
N PHE A 194 -20.48 -31.46 -16.64
CA PHE A 194 -19.49 -32.52 -16.86
C PHE A 194 -18.78 -32.34 -18.19
N LEU A 195 -19.55 -32.07 -19.25
CA LEU A 195 -18.92 -31.88 -20.55
C LEU A 195 -17.97 -30.68 -20.55
N ILE A 196 -18.38 -29.59 -19.91
CA ILE A 196 -17.52 -28.41 -19.88
C ILE A 196 -16.24 -28.70 -19.13
N VAL A 197 -16.34 -29.37 -17.97
CA VAL A 197 -15.15 -29.66 -17.18
C VAL A 197 -14.21 -30.58 -17.95
N VAL A 198 -14.76 -31.62 -18.59
CA VAL A 198 -13.93 -32.57 -19.34
C VAL A 198 -13.21 -31.85 -20.48
N ALA A 199 -13.94 -31.07 -21.27
CA ALA A 199 -13.33 -30.39 -22.40
C ALA A 199 -12.25 -29.42 -21.95
N SER A 200 -12.52 -28.66 -20.88
CA SER A 200 -11.55 -27.67 -20.43
C SER A 200 -10.25 -28.33 -19.97
N TYR A 201 -10.36 -29.37 -19.13
CA TYR A 201 -9.13 -29.98 -18.63
C TYR A 201 -8.40 -30.76 -19.71
N SER A 202 -9.13 -31.34 -20.66
CA SER A 202 -8.47 -31.99 -21.79
C SER A 202 -7.67 -30.99 -22.61
N ASP A 203 -8.25 -29.82 -22.88
CA ASP A 203 -7.53 -28.80 -23.64
C ASP A 203 -6.32 -28.29 -22.88
N ILE A 204 -6.44 -28.15 -21.56
CA ILE A 204 -5.28 -27.74 -20.75
C ILE A 204 -4.16 -28.75 -20.89
N GLY A 205 -4.48 -30.03 -20.70
CA GLY A 205 -3.46 -31.07 -20.80
C GLY A 205 -2.83 -31.16 -22.18
N ARG A 206 -3.61 -30.88 -23.23
CA ARG A 206 -3.05 -30.91 -24.57
C ARG A 206 -2.11 -29.73 -24.81
N ARG A 207 -2.52 -28.53 -24.37
CA ARG A 207 -1.70 -27.35 -24.63
C ARG A 207 -0.42 -27.34 -23.80
N LEU A 208 -0.42 -27.96 -22.61
CA LEU A 208 0.79 -27.90 -21.81
C LEU A 208 1.97 -28.64 -22.41
N GLN A 209 1.80 -29.39 -23.50
CA GLN A 209 2.82 -30.33 -23.94
C GLN A 209 4.02 -29.67 -24.60
N ALA A 210 3.94 -28.37 -24.92
CA ALA A 210 4.98 -27.68 -25.65
C ALA A 210 5.51 -26.48 -24.86
N ARG A 211 5.56 -26.60 -23.54
CA ARG A 211 5.91 -25.47 -22.68
C ARG A 211 7.35 -25.48 -22.21
N ARG A 212 8.10 -26.55 -22.47
CA ARG A 212 9.53 -26.65 -22.17
C ARG A 212 9.92 -26.10 -20.81
N PHE A 213 9.08 -26.33 -19.80
CA PHE A 213 9.48 -26.27 -18.40
C PHE A 213 8.90 -27.49 -17.69
N ARG A 214 9.54 -27.87 -16.59
CA ARG A 214 9.25 -29.15 -15.94
C ARG A 214 8.19 -28.97 -14.87
N ARG A 215 7.06 -29.66 -15.04
CA ARG A 215 5.92 -29.53 -14.13
C ARG A 215 5.26 -30.85 -13.76
N SER A 216 5.43 -31.92 -14.55
CA SER A 216 4.55 -33.09 -14.48
C SER A 216 5.00 -34.03 -13.37
N ARG A 217 4.67 -33.67 -12.13
CA ARG A 217 4.88 -34.57 -11.01
C ARG A 217 3.59 -34.91 -10.27
N ARG A 218 2.78 -33.92 -9.88
CA ARG A 218 1.50 -34.21 -9.22
C ARG A 218 0.42 -33.24 -9.69
N THR A 219 0.57 -32.69 -10.89
CA THR A 219 -0.46 -31.83 -11.47
C THR A 219 -1.36 -32.58 -12.43
N GLY A 220 -1.09 -33.85 -12.70
CA GLY A 220 -1.97 -34.66 -13.52
C GLY A 220 -2.86 -35.52 -12.66
N ARG A 221 -2.49 -35.68 -11.39
CA ARG A 221 -3.30 -36.46 -10.46
C ARG A 221 -4.55 -35.70 -10.04
N LEU A 222 -4.43 -34.40 -9.80
CA LEU A 222 -5.56 -33.62 -9.33
C LEU A 222 -6.67 -33.57 -10.37
N VAL A 223 -6.31 -33.45 -11.65
CA VAL A 223 -7.33 -33.38 -12.70
C VAL A 223 -8.14 -34.67 -12.73
N VAL A 224 -7.45 -35.81 -12.69
CA VAL A 224 -8.14 -37.09 -12.74
C VAL A 224 -8.99 -37.30 -11.50
N LEU A 225 -8.46 -36.88 -10.34
CA LEU A 225 -9.25 -36.96 -9.12
C LEU A 225 -10.53 -36.13 -9.21
N ILE A 226 -10.43 -34.94 -9.79
CA ILE A 226 -11.60 -34.09 -9.93
C ILE A 226 -12.65 -34.76 -10.82
N ILE A 227 -12.22 -35.26 -11.98
CA ILE A 227 -13.17 -35.90 -12.90
C ILE A 227 -13.83 -37.10 -12.25
N LEU A 228 -13.02 -37.98 -11.63
CA LEU A 228 -13.58 -39.20 -11.06
C LEU A 228 -14.47 -38.92 -9.86
N THR A 229 -14.09 -37.95 -9.02
CA THR A 229 -14.92 -37.61 -7.87
C THR A 229 -16.26 -37.03 -8.31
N PHE A 230 -16.27 -36.19 -9.35
CA PHE A 230 -17.53 -35.71 -9.88
C PHE A 230 -18.40 -36.87 -10.36
N ALA A 231 -17.83 -37.74 -11.20
CA ALA A 231 -18.64 -38.77 -11.85
C ALA A 231 -19.16 -39.80 -10.85
N ALA A 232 -18.27 -40.33 -10.01
CA ALA A 232 -18.66 -41.43 -9.13
C ALA A 232 -19.78 -41.04 -8.17
N PHE A 233 -19.90 -39.76 -7.86
CA PHE A 233 -20.94 -39.32 -6.93
C PHE A 233 -22.20 -38.83 -7.63
N TRP A 234 -22.10 -38.20 -8.80
CA TRP A 234 -23.30 -37.64 -9.41
C TRP A 234 -23.86 -38.48 -10.56
N LEU A 235 -23.23 -39.59 -10.94
CA LEU A 235 -23.74 -40.33 -12.09
C LEU A 235 -24.92 -41.26 -11.77
N PRO A 236 -24.85 -42.11 -10.72
CA PRO A 236 -25.95 -43.06 -10.50
C PRO A 236 -27.31 -42.42 -10.31
N TYR A 237 -27.38 -41.30 -9.60
CA TYR A 237 -28.67 -40.66 -9.34
C TYR A 237 -29.33 -40.25 -10.65
N HIS A 238 -28.57 -39.62 -11.55
CA HIS A 238 -29.16 -39.20 -12.81
C HIS A 238 -29.39 -40.35 -13.76
N VAL A 239 -28.63 -41.44 -13.64
CA VAL A 239 -28.96 -42.65 -14.39
C VAL A 239 -30.34 -43.17 -13.99
N VAL A 240 -30.59 -43.23 -12.67
CA VAL A 240 -31.89 -43.67 -12.18
C VAL A 240 -32.98 -42.70 -12.61
N ASN A 241 -32.68 -41.40 -12.58
CA ASN A 241 -33.62 -40.39 -13.07
C ASN A 241 -34.04 -40.69 -14.51
N LEU A 242 -33.05 -40.91 -15.38
CA LEU A 242 -33.36 -41.18 -16.79
C LEU A 242 -34.12 -42.48 -16.96
N ALA A 243 -33.78 -43.51 -16.18
CA ALA A 243 -34.50 -44.78 -16.28
C ALA A 243 -35.96 -44.62 -15.87
N GLU A 244 -36.21 -43.89 -14.78
CA GLU A 244 -37.59 -43.67 -14.34
C GLU A 244 -38.36 -42.85 -15.36
N ALA A 245 -37.72 -41.82 -15.93
CA ALA A 245 -38.39 -41.03 -16.95
C ALA A 245 -38.72 -41.88 -18.17
N GLY A 246 -37.82 -42.79 -18.55
CA GLY A 246 -38.09 -43.67 -19.67
C GLY A 246 -39.25 -44.61 -19.40
N ARG A 247 -39.29 -45.20 -18.20
CA ARG A 247 -40.40 -46.07 -17.85
C ARG A 247 -41.71 -45.30 -17.76
N ALA A 248 -41.66 -44.01 -17.38
CA ALA A 248 -42.87 -43.21 -17.36
C ALA A 248 -43.35 -42.91 -18.78
N LEU A 249 -42.44 -42.53 -19.67
CA LEU A 249 -42.83 -42.25 -21.06
C LEU A 249 -43.28 -43.48 -21.80
N ALA A 250 -43.02 -44.69 -21.29
CA ALA A 250 -43.43 -45.91 -21.96
C ALA A 250 -44.87 -46.30 -21.69
N GLY A 251 -45.58 -45.54 -20.85
CA GLY A 251 -46.93 -45.87 -20.46
C GLY A 251 -47.04 -46.58 -19.14
N GLN A 252 -45.93 -47.02 -18.56
CA GLN A 252 -45.95 -47.69 -17.27
C GLN A 252 -46.25 -46.68 -16.17
N ALA A 253 -46.28 -47.18 -14.93
CA ALA A 253 -46.57 -46.37 -13.77
C ALA A 253 -45.53 -46.64 -12.68
N ALA A 254 -45.22 -45.61 -11.90
CA ALA A 254 -44.24 -45.73 -10.83
C ALA A 254 -44.72 -46.73 -9.79
N GLY A 255 -43.83 -47.64 -9.39
CA GLY A 255 -44.14 -48.65 -8.42
C GLY A 255 -44.92 -49.84 -8.95
N LEU A 256 -45.16 -49.92 -10.26
CA LEU A 256 -45.92 -51.01 -10.85
C LEU A 256 -44.95 -52.12 -11.28
N GLY A 257 -45.03 -53.26 -10.60
CA GLY A 257 -44.21 -54.40 -10.95
C GLY A 257 -42.90 -54.42 -10.16
N LEU A 258 -42.07 -55.39 -10.54
CA LEU A 258 -40.77 -55.55 -9.89
C LEU A 258 -39.83 -54.40 -10.23
N VAL A 259 -39.75 -54.03 -11.51
CA VAL A 259 -38.79 -53.02 -11.93
C VAL A 259 -39.10 -51.68 -11.29
N GLY A 260 -40.38 -51.31 -11.22
CA GLY A 260 -40.75 -50.05 -10.60
C GLY A 260 -40.40 -50.02 -9.12
N LYS A 261 -40.65 -51.11 -8.41
CA LYS A 261 -40.31 -51.17 -7.00
C LYS A 261 -38.80 -51.07 -6.79
N ARG A 262 -38.03 -51.80 -7.60
CA ARG A 262 -36.58 -51.77 -7.45
C ARG A 262 -36.01 -50.41 -7.80
N LEU A 263 -36.64 -49.70 -8.75
CA LEU A 263 -36.23 -48.35 -9.07
C LEU A 263 -36.59 -47.35 -7.99
N SER A 264 -37.79 -47.49 -7.41
CA SER A 264 -38.26 -46.58 -6.33
C SER A 264 -37.50 -46.87 -5.04
N LEU A 265 -37.02 -48.10 -4.88
CA LEU A 265 -36.26 -48.50 -3.66
C LEU A 265 -34.80 -48.06 -3.82
N ALA A 266 -34.36 -47.84 -5.06
CA ALA A 266 -32.97 -47.41 -5.35
C ALA A 266 -32.91 -45.89 -5.47
N ARG A 267 -34.04 -45.21 -5.20
CA ARG A 267 -34.12 -43.73 -5.28
C ARG A 267 -34.26 -43.15 -3.87
N ASN A 268 -33.58 -43.76 -2.89
CA ASN A 268 -33.65 -43.30 -1.48
C ASN A 268 -32.24 -43.38 -0.86
N VAL A 269 -31.29 -44.00 -1.58
CA VAL A 269 -29.92 -44.14 -1.11
C VAL A 269 -28.94 -43.35 -1.94
N LEU A 270 -29.25 -43.08 -3.21
CA LEU A 270 -28.31 -42.41 -4.11
C LEU A 270 -28.12 -40.95 -3.72
N ILE A 271 -29.18 -40.28 -3.29
CA ILE A 271 -29.07 -38.89 -2.85
C ILE A 271 -28.25 -38.80 -1.57
N ALA A 272 -28.39 -39.80 -0.69
CA ALA A 272 -27.53 -39.85 0.49
C ALA A 272 -26.07 -40.04 0.10
N LEU A 273 -25.82 -40.61 -1.08
CA LEU A 273 -24.45 -40.68 -1.59
C LEU A 273 -24.01 -39.33 -2.16
N ALA A 274 -24.94 -38.61 -2.80
CA ALA A 274 -24.61 -37.29 -3.32
C ALA A 274 -24.35 -36.28 -2.21
N PHE A 275 -24.85 -36.52 -1.01
CA PHE A 275 -24.47 -35.69 0.14
C PHE A 275 -23.00 -35.86 0.53
N LEU A 276 -22.24 -36.69 -0.20
CA LEU A 276 -20.84 -36.90 0.12
C LEU A 276 -19.90 -35.98 -0.65
N SER A 277 -20.27 -35.59 -1.87
CA SER A 277 -19.42 -34.70 -2.67
C SER A 277 -19.31 -33.31 -2.06
N SER A 278 -20.15 -32.96 -1.10
CA SER A 278 -20.03 -31.70 -0.37
C SER A 278 -19.05 -31.78 0.78
N SER A 279 -18.42 -32.94 0.99
CA SER A 279 -17.42 -33.12 2.03
C SER A 279 -16.01 -33.24 1.48
N VAL A 280 -15.84 -33.48 0.19
CA VAL A 280 -14.51 -33.62 -0.41
C VAL A 280 -14.04 -32.34 -1.11
N ASN A 281 -14.95 -31.44 -1.47
CA ASN A 281 -14.56 -30.22 -2.17
C ASN A 281 -13.55 -29.37 -1.40
N PRO A 282 -13.68 -29.14 -0.09
CA PRO A 282 -12.64 -28.36 0.61
C PRO A 282 -11.26 -29.00 0.50
N VAL A 283 -11.17 -30.32 0.63
CA VAL A 283 -9.89 -31.00 0.49
C VAL A 283 -9.39 -30.87 -0.94
N LEU A 284 -10.28 -31.02 -1.92
CA LEU A 284 -9.88 -31.09 -3.31
C LEU A 284 -9.58 -29.73 -3.92
N TYR A 285 -9.98 -28.64 -3.26
CA TYR A 285 -9.79 -27.31 -3.82
C TYR A 285 -9.07 -26.32 -2.91
N ALA A 286 -8.79 -26.67 -1.65
CA ALA A 286 -8.09 -25.75 -0.76
C ALA A 286 -6.95 -26.38 0.02
N PHE A 287 -6.95 -27.69 0.25
CA PHE A 287 -5.90 -28.34 1.01
C PHE A 287 -4.97 -29.20 0.17
N ALA A 288 -5.41 -29.67 -0.99
CA ALA A 288 -4.57 -30.49 -1.85
C ALA A 288 -3.30 -29.72 -2.22
N GLY A 289 -2.19 -30.45 -2.30
CA GLY A 289 -0.90 -29.81 -2.53
C GLY A 289 -0.88 -28.99 -3.80
N GLY A 290 -1.37 -29.56 -4.90
CA GLY A 290 -1.44 -28.84 -6.15
C GLY A 290 -2.29 -27.59 -6.02
N GLY A 291 -1.65 -26.43 -6.02
CA GLY A 291 -2.35 -25.19 -5.72
C GLY A 291 -2.60 -25.06 -4.23
N LEU A 292 -1.52 -25.04 -3.46
CA LEU A 292 -1.59 -25.02 -2.00
C LEU A 292 -2.04 -23.64 -1.52
N LEU A 293 -3.36 -23.44 -1.53
CA LEU A 293 -3.92 -22.22 -0.96
C LEU A 293 -3.94 -22.26 0.55
N ARG A 294 -4.18 -23.43 1.15
CA ARG A 294 -4.28 -23.58 2.59
C ARG A 294 -3.48 -24.76 3.12
N SER A 295 -2.61 -25.36 2.30
CA SER A 295 -1.77 -26.46 2.79
C SER A 295 -0.81 -25.96 3.86
N ALA A 296 -0.19 -24.80 3.63
CA ALA A 296 0.81 -24.29 4.56
C ALA A 296 0.19 -23.91 5.89
N GLY A 297 -0.89 -23.13 5.86
CA GLY A 297 -1.53 -22.69 7.09
C GLY A 297 -2.59 -23.64 7.59
N VAL A 298 -2.20 -24.51 8.53
CA VAL A 298 -3.13 -25.45 9.16
C VAL A 298 -2.83 -25.48 10.66
N GLY A 299 -3.88 -25.39 11.46
CA GLY A 299 -3.74 -25.48 12.90
C GLY A 299 -4.06 -26.87 13.42
N PHE A 300 -4.08 -27.85 12.52
CA PHE A 300 -4.47 -29.21 12.84
C PHE A 300 -3.35 -30.03 13.48
N VAL A 301 -2.30 -29.37 13.98
CA VAL A 301 -1.21 -30.08 14.63
C VAL A 301 -0.84 -29.37 15.93
N GLY B 2 -21.33 9.05 10.98
CA GLY B 2 -22.36 9.36 10.00
C GLY B 2 -23.19 10.57 10.38
N CYS B 3 -24.02 10.42 11.42
CA CYS B 3 -24.86 11.51 11.90
C CYS B 3 -24.15 12.41 12.90
N THR B 4 -22.92 12.06 13.31
CA THR B 4 -22.13 12.89 14.19
C THR B 4 -21.08 13.70 13.45
N LEU B 5 -21.16 13.75 12.13
CA LEU B 5 -20.21 14.48 11.30
C LEU B 5 -20.82 15.81 10.87
N SER B 6 -19.95 16.80 10.66
CA SER B 6 -20.36 18.08 10.12
C SER B 6 -20.30 18.03 8.60
N ALA B 7 -20.56 19.15 7.94
CA ALA B 7 -20.49 19.18 6.48
C ALA B 7 -19.05 19.10 5.99
N GLU B 8 -18.15 19.80 6.68
CA GLU B 8 -16.74 19.82 6.29
C GLU B 8 -16.12 18.44 6.43
N ASP B 9 -16.47 17.71 7.50
CA ASP B 9 -15.99 16.35 7.66
C ASP B 9 -16.46 15.45 6.52
N LYS B 10 -17.71 15.63 6.09
CA LYS B 10 -18.23 14.82 4.99
C LYS B 10 -17.48 15.12 3.69
N ALA B 11 -17.16 16.40 3.46
CA ALA B 11 -16.38 16.76 2.28
C ALA B 11 -14.99 16.12 2.33
N ALA B 12 -14.37 16.11 3.51
CA ALA B 12 -13.06 15.47 3.65
C ALA B 12 -13.15 13.97 3.36
N VAL B 13 -14.20 13.32 3.84
CA VAL B 13 -14.39 11.89 3.57
C VAL B 13 -14.53 11.64 2.07
N GLU B 14 -15.32 12.46 1.38
CA GLU B 14 -15.50 12.27 -0.05
C GLU B 14 -14.18 12.45 -0.80
N ARG B 15 -13.38 13.43 -0.40
CA ARG B 15 -12.07 13.62 -1.02
C ARG B 15 -11.17 12.41 -0.83
N SER B 16 -11.15 11.86 0.39
CA SER B 16 -10.35 10.66 0.65
C SER B 16 -10.80 9.49 -0.23
N LYS B 17 -12.12 9.35 -0.42
CA LYS B 17 -12.62 8.25 -1.24
C LYS B 17 -12.20 8.40 -2.71
N MET B 18 -12.24 9.61 -3.24
CA MET B 18 -11.77 9.81 -4.61
C MET B 18 -10.28 9.49 -4.74
N ILE B 19 -9.49 9.88 -3.74
CA ILE B 19 -8.06 9.55 -3.76
C ILE B 19 -7.86 8.03 -3.78
N ASP B 20 -8.63 7.31 -2.98
CA ASP B 20 -8.54 5.85 -2.95
C ASP B 20 -8.84 5.25 -4.32
N ARG B 21 -9.89 5.75 -4.98
CA ARG B 21 -10.24 5.21 -6.30
C ARG B 21 -9.12 5.43 -7.31
N ASN B 22 -8.53 6.63 -7.31
CA ASN B 22 -7.44 6.90 -8.25
C ASN B 22 -6.23 6.01 -7.98
N LEU B 23 -5.87 5.83 -6.70
CA LEU B 23 -4.79 4.93 -6.35
C LEU B 23 -5.06 3.52 -6.87
N ARG B 24 -6.29 3.03 -6.70
CA ARG B 24 -6.61 1.68 -7.15
C ARG B 24 -6.47 1.54 -8.66
N GLU B 25 -6.95 2.54 -9.42
CA GLU B 25 -6.83 2.46 -10.87
C GLU B 25 -5.38 2.42 -11.31
N ASP B 26 -4.53 3.28 -10.72
CA ASP B 26 -3.11 3.24 -11.08
C ASP B 26 -2.47 1.92 -10.72
N GLY B 27 -2.82 1.36 -9.56
CA GLY B 27 -2.27 0.08 -9.17
C GLY B 27 -2.66 -1.04 -10.10
N GLU B 28 -3.91 -1.04 -10.58
CA GLU B 28 -4.31 -2.05 -11.56
C GLU B 28 -3.53 -1.88 -12.87
N LYS B 29 -3.35 -0.63 -13.33
CA LYS B 29 -2.64 -0.44 -14.58
C LYS B 29 -1.17 -0.84 -14.47
N ALA B 30 -0.54 -0.64 -13.32
CA ALA B 30 0.89 -0.82 -13.18
C ALA B 30 1.32 -2.29 -13.17
N ALA B 31 0.39 -3.24 -13.14
CA ALA B 31 0.73 -4.65 -12.98
C ALA B 31 0.64 -5.44 -14.28
N ARG B 32 0.60 -4.77 -15.43
CA ARG B 32 0.57 -5.44 -16.72
C ARG B 32 1.78 -5.08 -17.58
N GLU B 33 2.85 -4.63 -16.95
CA GLU B 33 4.10 -4.32 -17.63
C GLU B 33 5.10 -5.46 -17.41
N VAL B 34 6.07 -5.53 -18.32
CA VAL B 34 7.10 -6.56 -18.25
C VAL B 34 8.40 -5.88 -17.82
N LYS B 35 8.90 -6.24 -16.65
CA LYS B 35 10.07 -5.61 -16.04
C LYS B 35 11.26 -6.55 -16.14
N LEU B 36 12.27 -6.17 -16.92
CA LEU B 36 13.47 -6.97 -17.11
C LEU B 36 14.68 -6.26 -16.51
N LEU B 37 15.54 -7.04 -15.86
CA LEU B 37 16.76 -6.48 -15.27
C LEU B 37 17.97 -6.92 -16.10
N LEU B 38 18.80 -5.95 -16.50
CA LEU B 38 19.90 -6.21 -17.42
C LEU B 38 21.21 -6.33 -16.67
N LEU B 39 22.04 -7.31 -17.06
CA LEU B 39 23.30 -7.55 -16.39
C LEU B 39 24.34 -8.07 -17.39
N GLY B 40 25.60 -7.95 -16.99
CA GLY B 40 26.71 -8.33 -17.84
C GLY B 40 27.97 -7.55 -17.51
N ALA B 41 29.11 -8.25 -17.49
CA ALA B 41 30.36 -7.64 -17.06
C ALA B 41 30.77 -6.51 -18.01
N GLY B 42 31.76 -5.74 -17.58
CA GLY B 42 32.23 -4.60 -18.34
C GLY B 42 32.72 -4.94 -19.73
N GLU B 43 32.24 -4.20 -20.72
CA GLU B 43 32.58 -4.41 -22.13
C GLU B 43 32.23 -5.82 -22.58
N SER B 44 30.96 -6.18 -22.43
CA SER B 44 30.46 -7.50 -22.81
C SER B 44 29.31 -7.40 -23.80
N GLY B 45 29.29 -6.35 -24.61
CA GLY B 45 28.34 -6.27 -25.71
C GLY B 45 26.93 -5.84 -25.33
N LYS B 46 26.68 -5.53 -24.05
CA LYS B 46 25.34 -5.14 -23.65
C LYS B 46 24.88 -3.85 -24.33
N ASN B 47 25.82 -2.95 -24.62
CA ASN B 47 25.48 -1.74 -25.35
C ASN B 47 24.95 -2.06 -26.75
N THR B 48 25.62 -2.99 -27.44
CA THR B 48 25.15 -3.43 -28.74
C THR B 48 23.79 -4.10 -28.62
N ILE B 49 23.58 -4.89 -27.57
CA ILE B 49 22.28 -5.52 -27.35
C ILE B 49 21.19 -4.48 -27.21
N VAL B 50 21.45 -3.43 -26.43
CA VAL B 50 20.47 -2.35 -26.29
C VAL B 50 20.22 -1.67 -27.63
N LYS B 51 21.30 -1.44 -28.39
CA LYS B 51 21.16 -0.74 -29.67
C LYS B 51 20.33 -1.54 -30.67
N GLN B 52 20.54 -2.86 -30.71
CA GLN B 52 19.91 -3.68 -31.75
C GLN B 52 18.39 -3.68 -31.63
N MET B 53 17.87 -3.76 -30.41
CA MET B 53 16.45 -3.95 -30.18
C MET B 53 15.64 -2.65 -30.30
N LYS B 54 16.21 -1.63 -30.95
CA LYS B 54 15.48 -0.41 -31.32
C LYS B 54 14.97 0.33 -30.08
N ILE B 55 15.91 0.73 -29.24
CA ILE B 55 15.59 1.48 -28.03
C ILE B 55 16.29 2.83 -28.03
N THR B 182 24.12 10.18 -12.19
CA THR B 182 23.79 9.08 -13.08
C THR B 182 22.61 8.27 -12.54
N GLY B 183 22.92 7.26 -11.73
CA GLY B 183 21.90 6.40 -11.17
C GLY B 183 21.41 5.36 -12.17
N ILE B 184 20.33 4.68 -11.78
CA ILE B 184 19.73 3.69 -12.65
C ILE B 184 19.33 4.32 -13.97
N VAL B 185 19.60 3.62 -15.05
CA VAL B 185 19.12 3.98 -16.38
C VAL B 185 17.94 3.07 -16.71
N GLU B 186 16.89 3.65 -17.29
CA GLU B 186 15.68 2.93 -17.58
C GLU B 186 15.32 3.12 -19.05
N THR B 187 14.92 2.04 -19.71
CA THR B 187 14.55 2.10 -21.11
C THR B 187 13.18 1.46 -21.30
N HIS B 188 12.43 1.96 -22.29
CA HIS B 188 11.08 1.50 -22.57
C HIS B 188 10.98 1.10 -24.03
N PHE B 189 10.12 0.11 -24.30
CA PHE B 189 9.70 -0.14 -25.68
C PHE B 189 8.42 -0.96 -25.65
N THR B 190 7.89 -1.24 -26.85
CA THR B 190 6.59 -1.89 -26.99
C THR B 190 6.66 -2.86 -28.17
N PHE B 191 6.35 -4.11 -27.90
CA PHE B 191 6.40 -5.17 -28.92
C PHE B 191 5.17 -6.04 -28.79
N LYS B 192 4.46 -6.24 -29.90
CA LYS B 192 3.25 -7.07 -29.95
C LYS B 192 2.28 -6.67 -28.84
N ASP B 193 2.04 -5.37 -28.71
CA ASP B 193 1.10 -4.79 -27.75
C ASP B 193 1.51 -5.05 -26.31
N LEU B 194 2.79 -5.31 -26.05
CA LEU B 194 3.30 -5.48 -24.70
C LEU B 194 4.31 -4.39 -24.39
N HIS B 195 4.26 -3.89 -23.16
CA HIS B 195 5.12 -2.81 -22.71
C HIS B 195 6.29 -3.40 -21.92
N PHE B 196 7.50 -3.20 -22.42
CA PHE B 196 8.72 -3.70 -21.81
C PHE B 196 9.49 -2.55 -21.20
N LYS B 197 9.92 -2.73 -19.94
CA LYS B 197 10.76 -1.77 -19.24
C LYS B 197 12.02 -2.50 -18.80
N MET B 198 13.18 -2.00 -19.26
CA MET B 198 14.47 -2.62 -18.99
C MET B 198 15.27 -1.71 -18.06
N PHE B 199 15.85 -2.29 -17.02
CA PHE B 199 16.58 -1.54 -16.02
C PHE B 199 18.06 -1.90 -16.09
N ASP B 200 18.90 -0.90 -16.31
CA ASP B 200 20.35 -1.05 -16.41
C ASP B 200 20.99 -0.27 -15.27
N VAL B 201 21.69 -0.97 -14.39
CA VAL B 201 22.17 -0.38 -13.14
C VAL B 201 23.69 -0.53 -13.13
N GLY B 202 24.30 -0.44 -14.31
CA GLY B 202 25.74 -0.66 -14.42
C GLY B 202 26.59 0.41 -13.78
N ALA B 203 26.06 1.62 -13.62
CA ALA B 203 26.86 2.73 -13.10
C ALA B 203 27.00 2.70 -11.58
N GLN B 204 26.14 1.97 -10.87
CA GLN B 204 26.16 1.96 -9.41
C GLN B 204 27.41 1.24 -8.93
N ARG B 205 28.37 2.00 -8.39
CA ARG B 205 29.65 1.47 -7.96
C ARG B 205 29.67 1.05 -6.49
N SER B 206 28.51 0.86 -5.87
CA SER B 206 28.43 0.48 -4.48
C SER B 206 28.29 -1.03 -4.34
N GLU B 207 28.04 -1.48 -3.11
CA GLU B 207 27.89 -2.91 -2.84
C GLU B 207 26.49 -3.38 -3.20
N ARG B 208 26.40 -4.48 -3.94
CA ARG B 208 25.09 -4.96 -4.38
C ARG B 208 24.22 -5.45 -3.22
N LYS B 209 24.81 -5.82 -2.10
CA LYS B 209 23.97 -6.35 -1.02
C LYS B 209 23.20 -5.26 -0.29
N LYS B 210 23.18 -4.02 -0.81
CA LYS B 210 22.44 -2.94 -0.21
C LYS B 210 21.26 -2.47 -1.05
N TRP B 211 21.24 -2.79 -2.34
CA TRP B 211 20.16 -2.33 -3.23
C TRP B 211 19.63 -3.43 -4.14
N ILE B 212 20.08 -4.68 -3.97
CA ILE B 212 19.63 -5.73 -4.89
C ILE B 212 18.21 -6.20 -4.53
N HIS B 213 17.84 -6.19 -3.26
CA HIS B 213 16.52 -6.66 -2.86
C HIS B 213 15.41 -5.78 -3.40
N CYS B 214 15.73 -4.59 -3.90
CA CYS B 214 14.75 -3.74 -4.56
C CYS B 214 14.26 -4.32 -5.88
N PHE B 215 14.91 -5.36 -6.40
CA PHE B 215 14.54 -5.96 -7.68
C PHE B 215 14.00 -7.37 -7.50
N GLU B 216 13.41 -7.65 -6.34
CA GLU B 216 13.05 -9.02 -5.98
C GLU B 216 11.93 -9.58 -6.84
N GLY B 217 11.06 -8.72 -7.38
CA GLY B 217 9.91 -9.22 -8.11
C GLY B 217 9.90 -8.94 -9.59
N VAL B 218 11.07 -8.99 -10.24
CA VAL B 218 11.14 -8.75 -11.67
C VAL B 218 10.72 -10.01 -12.43
N THR B 219 10.36 -9.83 -13.69
CA THR B 219 9.93 -10.96 -14.51
C THR B 219 11.12 -11.83 -14.91
N ALA B 220 12.21 -11.22 -15.37
CA ALA B 220 13.35 -12.00 -15.83
C ALA B 220 14.64 -11.19 -15.76
N ILE B 221 15.75 -11.92 -15.81
CA ILE B 221 17.08 -11.33 -15.79
C ILE B 221 17.75 -11.63 -17.12
N ILE B 222 18.15 -10.58 -17.84
CA ILE B 222 18.91 -10.72 -19.07
C ILE B 222 20.39 -10.62 -18.73
N PHE B 223 21.19 -11.55 -19.26
CA PHE B 223 22.62 -11.61 -18.98
C PHE B 223 23.36 -11.64 -20.30
N CYS B 224 24.41 -10.83 -20.42
CA CYS B 224 25.19 -10.74 -21.65
C CYS B 224 26.63 -11.13 -21.39
N VAL B 225 27.21 -11.97 -22.27
CA VAL B 225 28.63 -12.28 -22.23
C VAL B 225 29.18 -12.26 -23.65
N ALA B 226 30.51 -12.19 -23.74
CA ALA B 226 31.22 -12.11 -25.02
C ALA B 226 32.00 -13.40 -25.25
N LEU B 227 31.86 -13.98 -26.44
CA LEU B 227 32.49 -15.26 -26.74
C LEU B 227 33.98 -15.14 -26.98
N SER B 228 34.45 -14.00 -27.48
CA SER B 228 35.82 -13.83 -27.92
C SER B 228 36.71 -13.18 -26.87
N ASP B 229 36.44 -13.44 -25.58
CA ASP B 229 37.24 -12.90 -24.50
C ASP B 229 37.83 -14.01 -23.63
N TYR B 230 38.12 -15.16 -24.23
CA TYR B 230 38.64 -16.30 -23.50
C TYR B 230 40.15 -16.28 -23.36
N ASP B 231 40.83 -15.30 -23.96
CA ASP B 231 42.30 -15.24 -23.92
C ASP B 231 42.81 -13.83 -23.71
N LEU B 232 42.03 -12.98 -23.04
CA LEU B 232 42.40 -11.60 -22.79
C LEU B 232 42.65 -11.38 -21.30
N VAL B 233 43.63 -10.52 -21.00
CA VAL B 233 43.96 -10.19 -19.61
C VAL B 233 42.97 -9.14 -19.11
N LEU B 234 42.42 -9.37 -17.92
CA LEU B 234 41.40 -8.48 -17.38
C LEU B 234 41.98 -7.39 -16.47
N ALA B 235 42.61 -7.80 -15.37
CA ALA B 235 43.05 -6.89 -14.33
C ALA B 235 44.55 -6.63 -14.44
N GLU B 236 45.10 -5.94 -13.44
CA GLU B 236 46.54 -5.73 -13.40
C GLU B 236 47.29 -7.06 -13.37
N ASP B 237 46.71 -8.07 -12.72
CA ASP B 237 47.25 -9.42 -12.80
C ASP B 237 46.90 -10.02 -14.15
N GLU B 238 47.91 -10.58 -14.83
CA GLU B 238 47.66 -11.21 -16.13
C GLU B 238 46.97 -12.56 -15.99
N GLU B 239 46.96 -13.14 -14.80
CA GLU B 239 46.33 -14.44 -14.61
C GLU B 239 44.82 -14.36 -14.82
N MET B 240 44.19 -13.31 -14.32
CA MET B 240 42.73 -13.16 -14.42
C MET B 240 42.32 -12.90 -15.86
N ASN B 241 41.75 -13.91 -16.51
CA ASN B 241 41.13 -13.72 -17.81
C ASN B 241 39.65 -13.38 -17.66
N ARG B 242 39.06 -12.91 -18.76
CA ARG B 242 37.72 -12.34 -18.70
C ARG B 242 36.63 -13.38 -18.58
N MET B 243 36.78 -14.53 -19.26
CA MET B 243 35.73 -15.53 -19.26
C MET B 243 35.50 -16.09 -17.85
N HIS B 244 36.56 -16.28 -17.09
CA HIS B 244 36.41 -16.78 -15.72
C HIS B 244 35.70 -15.76 -14.84
N ALA B 245 35.99 -14.47 -15.04
CA ALA B 245 35.27 -13.43 -14.31
C ALA B 245 33.78 -13.45 -14.65
N SER B 246 33.45 -13.61 -15.94
CA SER B 246 32.05 -13.69 -16.33
C SER B 246 31.37 -14.91 -15.73
N MET B 247 32.09 -16.04 -15.67
CA MET B 247 31.54 -17.24 -15.05
C MET B 247 31.27 -17.01 -13.57
N LYS B 248 32.20 -16.34 -12.86
CA LYS B 248 31.97 -16.04 -11.46
C LYS B 248 30.77 -15.13 -11.26
N LEU B 249 30.63 -14.11 -12.12
CA LEU B 249 29.47 -13.23 -12.00
C LEU B 249 28.16 -13.97 -12.24
N PHE B 250 28.13 -14.84 -13.26
CA PHE B 250 26.94 -15.62 -13.51
C PHE B 250 26.61 -16.55 -12.35
N ASP B 251 27.64 -17.19 -11.77
CA ASP B 251 27.43 -18.05 -10.62
C ASP B 251 26.85 -17.26 -9.45
N SER B 252 27.36 -16.06 -9.21
CA SER B 252 26.88 -15.27 -8.08
C SER B 252 25.44 -14.80 -8.29
N ILE B 253 25.08 -14.44 -9.52
CA ILE B 253 23.71 -14.00 -9.78
C ILE B 253 22.74 -15.18 -9.70
N CYS B 254 23.09 -16.31 -10.30
CA CYS B 254 22.14 -17.41 -10.46
C CYS B 254 21.70 -17.98 -9.13
N ASN B 255 22.60 -18.10 -8.17
CA ASN B 255 22.34 -18.79 -6.91
C ASN B 255 22.21 -17.80 -5.75
N ASN B 256 21.57 -16.67 -5.99
CA ASN B 256 21.28 -15.70 -4.94
C ASN B 256 20.08 -16.17 -4.13
N LYS B 257 19.90 -15.55 -2.96
CA LYS B 257 18.79 -15.91 -2.09
C LYS B 257 17.51 -15.13 -2.38
N TRP B 258 17.61 -14.00 -3.08
CA TRP B 258 16.43 -13.26 -3.51
C TRP B 258 15.97 -13.64 -4.91
N PHE B 259 16.75 -14.42 -5.64
CA PHE B 259 16.36 -14.98 -6.93
C PHE B 259 16.49 -16.50 -6.82
N THR B 260 15.44 -17.14 -6.30
CA THR B 260 15.38 -18.60 -6.25
C THR B 260 14.47 -19.18 -7.32
N ASP B 261 13.59 -18.38 -7.90
CA ASP B 261 12.68 -18.84 -8.94
C ASP B 261 12.52 -17.80 -10.04
N THR B 262 13.56 -17.01 -10.30
CA THR B 262 13.59 -16.05 -11.38
C THR B 262 14.38 -16.62 -12.55
N SER B 263 13.86 -16.47 -13.76
CA SER B 263 14.47 -17.07 -14.93
C SER B 263 15.46 -16.12 -15.60
N ILE B 264 16.47 -16.71 -16.24
CA ILE B 264 17.58 -16.00 -16.84
C ILE B 264 17.57 -16.23 -18.35
N ILE B 265 17.83 -15.18 -19.10
CA ILE B 265 17.97 -15.23 -20.55
C ILE B 265 19.40 -14.86 -20.89
N LEU B 266 20.12 -15.77 -21.54
CA LEU B 266 21.57 -15.67 -21.69
C LEU B 266 21.93 -15.39 -23.14
N PHE B 267 22.69 -14.31 -23.37
CA PHE B 267 23.13 -13.92 -24.70
C PHE B 267 24.64 -14.07 -24.81
N LEU B 268 25.08 -14.67 -25.91
CA LEU B 268 26.49 -14.83 -26.24
C LEU B 268 26.80 -13.98 -27.47
N ASN B 269 27.75 -13.06 -27.33
CA ASN B 269 28.01 -12.06 -28.36
C ASN B 269 29.34 -12.32 -29.07
N LYS B 270 29.55 -11.57 -30.16
CA LYS B 270 30.81 -11.56 -30.89
C LYS B 270 31.18 -12.95 -31.38
N LYS B 271 30.22 -13.64 -32.00
CA LYS B 271 30.49 -15.00 -32.47
C LYS B 271 31.32 -15.00 -33.74
N ASP B 272 31.15 -14.00 -34.62
CA ASP B 272 31.96 -13.93 -35.82
C ASP B 272 33.43 -13.76 -35.48
N LEU B 273 33.74 -12.87 -34.52
CA LEU B 273 35.11 -12.67 -34.11
C LEU B 273 35.70 -13.94 -33.50
N PHE B 274 34.90 -14.67 -32.72
CA PHE B 274 35.37 -15.92 -32.14
C PHE B 274 35.69 -16.94 -33.23
N GLU B 275 34.82 -17.04 -34.23
CA GLU B 275 35.06 -17.97 -35.34
C GLU B 275 36.31 -17.58 -36.12
N GLU B 276 36.52 -16.27 -36.33
CA GLU B 276 37.73 -15.83 -37.00
C GLU B 276 38.98 -16.10 -36.18
N LYS B 277 38.88 -15.97 -34.86
CA LYS B 277 40.05 -16.11 -33.99
C LYS B 277 40.46 -17.55 -33.77
N ILE B 278 39.50 -18.49 -33.72
CA ILE B 278 39.84 -19.86 -33.36
C ILE B 278 40.74 -20.56 -34.39
N LYS B 279 40.98 -19.95 -35.55
CA LYS B 279 41.86 -20.57 -36.53
C LYS B 279 43.27 -20.71 -36.00
N LYS B 280 43.79 -19.67 -35.35
CA LYS B 280 45.15 -19.68 -34.81
C LYS B 280 45.20 -19.75 -33.30
N SER B 281 44.08 -19.55 -32.61
CA SER B 281 44.04 -19.56 -31.16
C SER B 281 43.32 -20.82 -30.68
N PRO B 282 43.99 -21.72 -29.97
CA PRO B 282 43.32 -22.91 -29.45
C PRO B 282 42.64 -22.66 -28.12
N LEU B 283 41.46 -23.26 -27.96
CA LEU B 283 40.66 -23.06 -26.75
C LEU B 283 41.32 -23.64 -25.51
N THR B 284 42.35 -24.48 -25.67
CA THR B 284 43.05 -25.02 -24.52
C THR B 284 43.78 -23.94 -23.72
N ILE B 285 43.93 -22.74 -24.29
CA ILE B 285 44.58 -21.64 -23.60
C ILE B 285 43.81 -21.23 -22.35
N CYS B 286 42.50 -21.50 -22.30
CA CYS B 286 41.68 -21.13 -21.17
C CYS B 286 41.05 -22.32 -20.46
N TYR B 287 40.73 -23.40 -21.16
CA TYR B 287 40.16 -24.59 -20.53
C TYR B 287 41.18 -25.72 -20.62
N PRO B 288 41.91 -26.02 -19.54
CA PRO B 288 42.96 -27.05 -19.62
C PRO B 288 42.44 -28.44 -19.95
N GLU B 289 41.24 -28.79 -19.51
CA GLU B 289 40.73 -30.14 -19.67
C GLU B 289 40.01 -30.38 -20.99
N TYR B 290 39.92 -29.37 -21.85
CA TYR B 290 39.25 -29.56 -23.13
C TYR B 290 39.99 -30.58 -23.97
N ALA B 291 39.29 -31.63 -24.38
CA ALA B 291 39.86 -32.74 -25.15
C ALA B 291 39.04 -32.98 -26.41
N GLY B 292 38.77 -31.92 -27.15
CA GLY B 292 37.98 -32.04 -28.36
C GLY B 292 38.63 -31.41 -29.58
N SER B 293 37.86 -31.25 -30.64
CA SER B 293 38.37 -30.70 -31.89
C SER B 293 38.58 -29.20 -31.74
N ASN B 294 38.94 -28.53 -32.84
CA ASN B 294 39.18 -27.10 -32.82
C ASN B 294 38.26 -26.43 -33.84
N THR B 295 36.98 -26.78 -33.81
CA THR B 295 35.99 -26.25 -34.73
C THR B 295 35.02 -25.37 -33.95
N TYR B 296 34.40 -24.42 -34.66
CA TYR B 296 33.54 -23.44 -34.02
C TYR B 296 32.36 -24.10 -33.30
N GLU B 297 31.71 -25.06 -33.95
CA GLU B 297 30.48 -25.62 -33.40
C GLU B 297 30.74 -26.32 -32.07
N GLU B 298 31.75 -27.19 -32.01
CA GLU B 298 32.03 -27.94 -30.79
C GLU B 298 32.49 -27.03 -29.67
N ALA B 299 33.32 -26.03 -29.98
CA ALA B 299 33.77 -25.09 -28.96
C ALA B 299 32.61 -24.27 -28.40
N ALA B 300 31.71 -23.80 -29.28
CA ALA B 300 30.56 -23.04 -28.83
C ALA B 300 29.65 -23.90 -27.96
N ALA B 301 29.42 -25.15 -28.36
CA ALA B 301 28.61 -26.05 -27.55
C ALA B 301 29.26 -26.30 -26.19
N TYR B 302 30.58 -26.44 -26.17
CA TYR B 302 31.28 -26.64 -24.92
C TYR B 302 31.13 -25.43 -24.00
N ILE B 303 31.21 -24.22 -24.56
CA ILE B 303 31.05 -23.00 -23.74
C ILE B 303 29.64 -22.92 -23.18
N GLN B 304 28.64 -23.18 -24.04
CA GLN B 304 27.26 -23.11 -23.57
C GLN B 304 26.98 -24.13 -22.48
N CYS B 305 27.50 -25.35 -22.64
CA CYS B 305 27.33 -26.37 -21.61
C CYS B 305 28.06 -25.97 -20.32
N GLN B 306 29.26 -25.41 -20.43
CA GLN B 306 30.00 -25.01 -19.25
C GLN B 306 29.31 -23.87 -18.51
N PHE B 307 28.53 -23.07 -19.22
CA PHE B 307 27.75 -22.02 -18.56
C PHE B 307 26.50 -22.60 -17.90
N GLU B 308 25.75 -23.44 -18.62
CA GLU B 308 24.52 -23.98 -18.07
C GLU B 308 24.76 -25.00 -16.97
N ASP B 309 25.98 -25.53 -16.84
CA ASP B 309 26.28 -26.47 -15.77
C ASP B 309 26.53 -25.81 -14.43
N LEU B 310 26.21 -24.52 -14.29
CA LEU B 310 26.37 -23.80 -13.04
C LEU B 310 25.05 -23.54 -12.33
N ASN B 311 23.93 -23.90 -12.94
CA ASN B 311 22.62 -23.73 -12.31
C ASN B 311 22.47 -24.76 -11.19
N LYS B 312 22.43 -24.28 -9.96
CA LYS B 312 22.33 -25.15 -8.79
C LYS B 312 20.89 -25.37 -8.34
N ARG B 313 19.92 -24.84 -9.07
CA ARG B 313 18.51 -24.85 -8.67
C ARG B 313 17.65 -25.36 -9.82
N LYS B 314 18.03 -26.52 -10.35
CA LYS B 314 17.55 -27.00 -11.65
C LYS B 314 16.06 -27.30 -11.67
N ASP B 315 15.39 -27.37 -10.52
CA ASP B 315 13.98 -27.72 -10.51
C ASP B 315 13.07 -26.51 -10.48
N THR B 316 13.46 -25.45 -9.78
CA THR B 316 12.64 -24.25 -9.65
C THR B 316 13.00 -23.16 -10.65
N LYS B 317 14.00 -23.37 -11.49
CA LYS B 317 14.50 -22.32 -12.37
C LYS B 317 14.80 -22.90 -13.75
N GLU B 318 14.72 -22.04 -14.77
CA GLU B 318 14.98 -22.41 -16.15
C GLU B 318 15.90 -21.37 -16.78
N ILE B 319 16.73 -21.81 -17.72
CA ILE B 319 17.73 -20.96 -18.36
C ILE B 319 17.55 -21.05 -19.87
N TYR B 320 17.52 -19.90 -20.54
CA TYR B 320 17.36 -19.81 -21.99
C TYR B 320 18.63 -19.21 -22.59
N THR B 321 19.12 -19.82 -23.66
CA THR B 321 20.41 -19.47 -24.25
C THR B 321 20.24 -19.12 -25.72
N HIS B 322 20.96 -18.09 -26.17
CA HIS B 322 20.87 -17.62 -27.54
C HIS B 322 22.26 -17.24 -28.06
N PHE B 323 22.43 -17.34 -29.38
CA PHE B 323 23.66 -16.94 -30.07
C PHE B 323 23.34 -15.71 -30.90
N THR B 324 23.74 -14.54 -30.43
CA THR B 324 23.39 -13.29 -31.07
C THR B 324 24.12 -13.14 -32.41
N CYS B 325 23.54 -12.30 -33.27
CA CYS B 325 24.18 -11.92 -34.52
C CYS B 325 23.74 -10.51 -34.89
N SER B 326 24.55 -9.85 -35.73
CA SER B 326 24.27 -8.47 -36.10
C SER B 326 22.95 -8.34 -36.83
N THR B 327 22.74 -9.14 -37.87
CA THR B 327 21.48 -9.13 -38.60
C THR B 327 20.40 -9.94 -37.92
N ASP B 328 20.71 -10.62 -36.82
CA ASP B 328 19.76 -11.47 -36.11
C ASP B 328 18.81 -10.59 -35.30
N THR B 329 17.82 -10.02 -36.00
CA THR B 329 16.74 -9.33 -35.29
C THR B 329 15.96 -10.29 -34.41
N LYS B 330 15.99 -11.58 -34.74
CA LYS B 330 15.28 -12.60 -33.97
C LYS B 330 15.60 -12.53 -32.49
N ASN B 331 16.72 -11.92 -32.11
CA ASN B 331 17.12 -11.87 -30.72
C ASN B 331 16.19 -11.02 -29.86
N VAL B 332 15.30 -10.23 -30.48
CA VAL B 332 14.21 -9.65 -29.69
C VAL B 332 13.02 -10.60 -29.61
N GLN B 333 12.70 -11.25 -30.74
CA GLN B 333 11.60 -12.23 -30.75
C GLN B 333 11.87 -13.34 -29.75
N PHE B 334 13.11 -13.81 -29.70
CA PHE B 334 13.50 -14.81 -28.70
C PHE B 334 13.07 -14.38 -27.31
N VAL B 335 13.37 -13.12 -26.95
CA VAL B 335 12.99 -12.63 -25.63
C VAL B 335 11.50 -12.79 -25.42
N PHE B 336 10.70 -12.35 -26.40
CA PHE B 336 9.26 -12.49 -26.33
C PHE B 336 8.88 -13.92 -25.99
N ASP B 337 9.44 -14.87 -26.74
CA ASP B 337 9.09 -16.28 -26.53
C ASP B 337 9.31 -16.67 -25.08
N ALA B 338 10.50 -16.38 -24.56
CA ALA B 338 10.80 -16.80 -23.19
C ALA B 338 9.80 -16.20 -22.22
N VAL B 339 9.49 -14.91 -22.40
CA VAL B 339 8.59 -14.24 -21.48
C VAL B 339 7.24 -14.95 -21.45
N THR B 340 6.76 -15.37 -22.63
CA THR B 340 5.47 -16.05 -22.66
C THR B 340 5.47 -17.24 -21.72
N ASP B 341 6.50 -18.09 -21.81
CA ASP B 341 6.56 -19.25 -20.93
C ASP B 341 6.45 -18.82 -19.48
N VAL B 342 7.24 -17.82 -19.09
CA VAL B 342 7.25 -17.37 -17.71
C VAL B 342 5.83 -17.00 -17.29
N ILE B 343 5.15 -16.21 -18.12
CA ILE B 343 3.81 -15.76 -17.77
C ILE B 343 2.90 -16.94 -17.53
N ILE B 344 2.94 -17.93 -18.44
CA ILE B 344 2.05 -19.07 -18.32
C ILE B 344 2.29 -19.78 -17.00
N LYS B 345 3.57 -19.97 -16.65
CA LYS B 345 3.87 -20.65 -15.40
C LYS B 345 3.25 -19.91 -14.22
N ASN B 346 3.36 -18.59 -14.21
CA ASN B 346 2.81 -17.82 -13.11
C ASN B 346 1.29 -18.00 -13.03
N ASN B 347 0.63 -18.06 -14.18
CA ASN B 347 -0.81 -18.32 -14.17
C ASN B 347 -1.11 -19.68 -13.56
N LEU B 348 -0.30 -20.69 -13.88
CA LEU B 348 -0.50 -22.00 -13.28
C LEU B 348 -0.23 -22.02 -11.80
N LYS B 349 0.14 -20.90 -11.18
CA LYS B 349 0.23 -20.83 -9.74
C LYS B 349 -0.84 -19.93 -9.13
N ASP B 350 -1.52 -19.12 -9.94
CA ASP B 350 -2.67 -18.37 -9.43
C ASP B 350 -3.88 -19.28 -9.34
N CYS B 351 -4.25 -19.91 -10.46
CA CYS B 351 -5.39 -20.83 -10.51
C CYS B 351 -4.98 -22.22 -10.01
N GLY B 352 -4.52 -22.27 -8.77
CA GLY B 352 -4.17 -23.54 -8.15
C GLY B 352 -3.15 -24.31 -8.98
N LEU B 353 -3.37 -25.61 -9.11
CA LEU B 353 -2.72 -26.49 -10.09
C LEU B 353 -1.19 -26.50 -10.01
N PHE B 354 -0.60 -26.04 -8.92
CA PHE B 354 0.86 -26.06 -8.82
C PHE B 354 1.32 -25.99 -7.37
N SER C 7 61.28 6.08 5.00
CA SER C 7 60.48 5.48 6.06
C SER C 7 59.45 6.47 6.59
N GLU C 8 59.17 7.51 5.79
CA GLU C 8 58.21 8.53 6.20
C GLU C 8 56.81 7.94 6.36
N LEU C 9 56.39 7.08 5.43
CA LEU C 9 55.09 6.42 5.55
C LEU C 9 55.05 5.51 6.76
N ASP C 10 56.13 4.76 6.99
CA ASP C 10 56.19 3.88 8.16
C ASP C 10 56.14 4.68 9.46
N GLN C 11 56.87 5.80 9.51
CA GLN C 11 56.82 6.65 10.70
C GLN C 11 55.43 7.23 10.92
N LEU C 12 54.77 7.66 9.85
CA LEU C 12 53.43 8.22 9.98
C LEU C 12 52.45 7.17 10.46
N ARG C 13 52.55 5.94 9.93
CA ARG C 13 51.68 4.86 10.40
C ARG C 13 51.94 4.53 11.85
N GLN C 14 53.22 4.50 12.26
CA GLN C 14 53.55 4.23 13.65
C GLN C 14 52.99 5.33 14.56
N GLU C 15 53.07 6.59 14.14
CA GLU C 15 52.50 7.67 14.92
C GLU C 15 50.98 7.55 15.02
N ALA C 16 50.34 7.12 13.92
CA ALA C 16 48.90 6.90 13.96
C ALA C 16 48.53 5.81 14.96
N GLU C 17 49.29 4.71 14.96
CA GLU C 17 49.04 3.64 15.92
C GLU C 17 49.26 4.12 17.35
N GLN C 18 50.30 4.93 17.57
CA GLN C 18 50.56 5.47 18.90
C GLN C 18 49.41 6.37 19.36
N LEU C 19 48.89 7.20 18.46
CA LEU C 19 47.75 8.04 18.82
C LEU C 19 46.51 7.21 19.11
N LYS C 20 46.30 6.14 18.34
CA LYS C 20 45.18 5.24 18.62
C LYS C 20 45.32 4.60 20.00
N ASN C 21 46.54 4.17 20.34
CA ASN C 21 46.78 3.58 21.65
C ASN C 21 46.56 4.60 22.76
N GLN C 22 46.97 5.84 22.54
CA GLN C 22 46.73 6.89 23.52
C GLN C 22 45.23 7.13 23.72
N ILE C 23 44.47 7.14 22.63
CA ILE C 23 43.02 7.30 22.73
C ILE C 23 42.42 6.14 23.51
N ARG C 24 42.86 4.92 23.23
CA ARG C 24 42.35 3.75 23.95
C ARG C 24 42.69 3.83 25.43
N ASP C 25 43.89 4.28 25.78
CA ASP C 25 44.28 4.41 27.17
C ASP C 25 43.46 5.49 27.87
N ALA C 26 43.17 6.60 27.18
CA ALA C 26 42.32 7.63 27.74
C ALA C 26 40.91 7.10 27.98
N ARG C 27 40.40 6.28 27.07
CA ARG C 27 39.07 5.71 27.25
C ARG C 27 39.04 4.62 28.32
N LYS C 28 40.17 3.99 28.60
CA LYS C 28 40.19 2.91 29.59
C LYS C 28 40.11 3.42 31.02
N ALA C 29 40.75 4.56 31.30
CA ALA C 29 40.87 5.05 32.67
C ALA C 29 39.62 5.75 33.17
N CYS C 30 38.63 5.98 32.31
CA CYS C 30 37.42 6.69 32.69
C CYS C 30 36.27 5.75 33.06
N ALA C 31 36.50 4.44 33.04
CA ALA C 31 35.45 3.46 33.33
C ALA C 31 35.48 3.08 34.80
N ASP C 32 34.36 3.27 35.50
CA ASP C 32 34.24 2.91 36.89
C ASP C 32 33.21 1.82 37.13
N ALA C 33 31.98 2.01 36.65
CA ALA C 33 30.91 1.06 36.88
C ALA C 33 29.94 1.08 35.70
N THR C 34 29.50 -0.10 35.28
CA THR C 34 28.53 -0.19 34.20
C THR C 34 27.17 0.35 34.64
N LEU C 35 26.39 0.79 33.66
CA LEU C 35 25.09 1.40 33.96
C LEU C 35 24.15 0.44 34.67
N SER C 36 24.32 -0.87 34.43
CA SER C 36 23.45 -1.84 35.10
C SER C 36 23.71 -1.94 36.60
N GLN C 37 24.81 -1.36 37.08
CA GLN C 37 25.11 -1.35 38.51
C GLN C 37 24.52 -0.15 39.22
N ILE C 38 24.48 1.01 38.56
CA ILE C 38 23.93 2.21 39.19
C ILE C 38 22.41 2.16 39.25
N THR C 39 21.78 1.31 38.44
CA THR C 39 20.33 1.21 38.38
C THR C 39 19.83 -0.16 38.87
N ASN C 40 20.53 -0.76 39.83
CA ASN C 40 20.07 -2.02 40.40
C ASN C 40 18.91 -1.85 41.36
N ASN C 41 18.70 -0.65 41.91
CA ASN C 41 17.60 -0.38 42.81
C ASN C 41 16.36 0.16 42.09
N ILE C 42 16.42 0.30 40.76
CA ILE C 42 15.27 0.78 40.01
C ILE C 42 14.28 -0.35 39.82
N ASP C 43 13.01 -0.08 40.15
CA ASP C 43 11.98 -1.08 39.95
C ASP C 43 11.64 -1.20 38.46
N PRO C 44 11.42 -2.41 37.96
CA PRO C 44 11.11 -2.57 36.54
C PRO C 44 9.77 -1.96 36.19
N VAL C 45 9.63 -1.59 34.91
CA VAL C 45 8.41 -0.94 34.44
C VAL C 45 7.26 -1.91 34.27
N GLY C 46 7.45 -3.18 34.58
CA GLY C 46 6.38 -4.15 34.43
C GLY C 46 6.12 -4.49 32.97
N ARG C 47 5.00 -5.16 32.75
CA ARG C 47 4.61 -5.57 31.41
C ARG C 47 3.90 -4.43 30.71
N ILE C 48 4.22 -4.24 29.44
CA ILE C 48 3.65 -3.18 28.62
C ILE C 48 2.93 -3.83 27.45
N GLN C 49 1.66 -3.50 27.29
CA GLN C 49 0.83 -4.07 26.23
C GLN C 49 0.18 -2.93 25.45
N MET C 50 0.27 -3.01 24.13
CA MET C 50 -0.30 -2.01 23.25
C MET C 50 -1.31 -2.67 22.32
N ARG C 51 -2.28 -1.88 21.88
CA ARG C 51 -3.35 -2.34 21.01
C ARG C 51 -3.29 -1.55 19.70
N THR C 52 -3.84 -2.13 18.65
CA THR C 52 -3.88 -1.48 17.35
C THR C 52 -5.15 -0.62 17.28
N ARG C 53 -4.97 0.70 17.21
CA ARG C 53 -6.12 1.60 17.18
C ARG C 53 -6.56 1.92 15.76
N ARG C 54 -5.62 2.09 14.84
CA ARG C 54 -5.93 2.39 13.46
C ARG C 54 -5.09 1.49 12.55
N THR C 55 -5.58 1.30 11.33
CA THR C 55 -4.84 0.60 10.29
C THR C 55 -4.99 1.40 9.00
N LEU C 56 -3.85 1.78 8.41
CA LEU C 56 -3.84 2.65 7.25
C LEU C 56 -3.54 1.80 6.01
N ARG C 57 -4.44 1.83 5.04
CA ARG C 57 -4.37 0.99 3.86
C ARG C 57 -4.39 1.83 2.59
N GLY C 58 -3.72 1.33 1.55
CA GLY C 58 -3.70 2.01 0.27
C GLY C 58 -2.42 1.89 -0.52
N HIS C 59 -1.31 1.59 0.13
CA HIS C 59 -0.08 1.31 -0.59
C HIS C 59 -0.15 -0.09 -1.21
N LEU C 60 0.51 -0.26 -2.35
CA LEU C 60 0.44 -1.49 -3.13
C LEU C 60 1.81 -2.11 -3.37
N ALA C 61 2.75 -1.91 -2.47
CA ALA C 61 4.10 -2.47 -2.56
C ALA C 61 4.77 -2.28 -1.21
N LYS C 62 6.07 -2.58 -1.14
CA LYS C 62 6.81 -2.40 0.09
C LYS C 62 6.85 -0.92 0.48
N ILE C 63 7.03 -0.67 1.77
CA ILE C 63 7.05 0.67 2.34
C ILE C 63 8.43 0.88 2.95
N TYR C 64 9.07 2.01 2.59
CA TYR C 64 10.45 2.19 3.01
C TYR C 64 10.69 3.30 4.04
N ALA C 65 9.78 4.27 4.17
CA ALA C 65 10.03 5.34 5.14
C ALA C 65 8.72 6.00 5.54
N MET C 66 8.70 6.54 6.77
CA MET C 66 7.63 7.39 7.27
C MET C 66 8.22 8.45 8.19
N HIS C 67 7.49 9.56 8.34
CA HIS C 67 7.91 10.63 9.23
C HIS C 67 6.69 11.31 9.85
N TRP C 68 6.83 11.70 11.12
CA TRP C 68 5.76 12.37 11.88
C TRP C 68 5.84 13.88 11.72
N GLY C 69 4.67 14.51 11.62
CA GLY C 69 4.59 15.95 11.70
C GLY C 69 4.66 16.45 13.13
N THR C 70 4.98 17.75 13.27
CA THR C 70 5.16 18.31 14.60
C THR C 70 3.86 18.58 15.33
N ASP C 71 2.73 18.59 14.64
CA ASP C 71 1.44 18.75 15.30
C ASP C 71 0.90 17.43 15.84
N SER C 72 1.57 16.31 15.56
CA SER C 72 1.19 14.99 16.04
C SER C 72 -0.14 14.53 15.45
N ARG C 73 -0.43 14.95 14.22
CA ARG C 73 -1.73 14.66 13.63
C ARG C 73 -1.58 14.15 12.20
N LEU C 74 -0.49 14.52 11.53
CA LEU C 74 -0.30 14.24 10.11
C LEU C 74 0.91 13.34 9.88
N LEU C 75 0.85 12.54 8.80
CA LEU C 75 1.91 11.60 8.46
C LEU C 75 2.23 11.67 6.97
N VAL C 76 3.47 11.31 6.63
CA VAL C 76 3.89 11.09 5.25
C VAL C 76 4.60 9.75 5.16
N SER C 77 4.33 9.00 4.09
CA SER C 77 4.90 7.67 3.90
C SER C 77 5.24 7.46 2.43
N ALA C 78 6.30 6.68 2.17
CA ALA C 78 6.81 6.44 0.83
C ALA C 78 6.86 4.96 0.52
N SER C 79 6.37 4.60 -0.67
CA SER C 79 6.41 3.20 -1.10
C SER C 79 6.99 3.09 -2.51
N GLN C 80 7.37 1.87 -2.87
CA GLN C 80 8.00 1.57 -4.15
C GLN C 80 7.03 1.37 -5.29
N ASP C 81 5.75 1.65 -5.09
CA ASP C 81 4.84 1.79 -6.21
C ASP C 81 4.93 3.17 -6.85
N GLY C 82 5.84 4.01 -6.37
CA GLY C 82 5.99 5.35 -6.88
C GLY C 82 5.09 6.38 -6.25
N LYS C 83 4.80 6.25 -4.95
CA LYS C 83 3.81 7.09 -4.30
C LYS C 83 4.30 7.60 -2.95
N LEU C 84 3.94 8.85 -2.66
CA LEU C 84 4.14 9.50 -1.39
C LEU C 84 2.78 9.94 -0.88
N ILE C 85 2.40 9.53 0.32
CA ILE C 85 1.05 9.75 0.83
C ILE C 85 1.10 10.50 2.14
N ILE C 86 0.25 11.52 2.28
CA ILE C 86 0.07 12.26 3.53
C ILE C 86 -1.31 11.93 4.08
N TRP C 87 -1.31 11.35 5.29
CA TRP C 87 -2.48 10.87 6.01
C TRP C 87 -2.83 11.75 7.19
N ASP C 88 -4.13 11.83 7.47
CA ASP C 88 -4.64 12.28 8.76
C ASP C 88 -4.89 11.03 9.62
N SER C 89 -4.33 11.02 10.83
CA SER C 89 -4.28 9.81 11.63
C SER C 89 -5.38 9.73 12.69
N TYR C 90 -6.24 10.73 12.79
CA TYR C 90 -7.37 10.65 13.71
C TYR C 90 -8.60 10.03 13.04
N THR C 91 -8.86 10.41 11.80
CA THR C 91 -10.00 9.91 11.05
C THR C 91 -9.61 8.94 9.95
N THR C 92 -8.31 8.66 9.79
CA THR C 92 -7.78 7.79 8.74
C THR C 92 -8.12 8.33 7.35
N ASN C 93 -8.28 9.63 7.22
CA ASN C 93 -8.52 10.26 5.93
C ASN C 93 -7.20 10.53 5.24
N LYS C 94 -7.23 10.54 3.91
CA LYS C 94 -6.06 10.88 3.10
C LYS C 94 -6.11 12.36 2.76
N VAL C 95 -5.04 13.08 3.08
CA VAL C 95 -4.98 14.50 2.77
C VAL C 95 -4.28 14.74 1.43
N HIS C 96 -3.20 14.01 1.14
CA HIS C 96 -2.51 14.23 -0.13
C HIS C 96 -1.92 12.93 -0.68
N ALA C 97 -1.82 12.86 -2.00
CA ALA C 97 -1.14 11.77 -2.69
C ALA C 97 -0.31 12.34 -3.82
N ILE C 98 0.99 12.03 -3.84
CA ILE C 98 1.95 12.68 -4.72
C ILE C 98 2.68 11.59 -5.51
N PRO C 99 2.71 11.67 -6.84
CA PRO C 99 3.48 10.71 -7.64
C PRO C 99 4.90 11.18 -7.92
N LEU C 100 5.85 10.27 -7.77
CA LEU C 100 7.25 10.61 -7.92
C LEU C 100 7.74 10.31 -9.34
N ARG C 101 8.90 10.87 -9.68
CA ARG C 101 9.50 10.70 -11.00
C ARG C 101 10.32 9.42 -11.09
N SER C 102 11.01 9.06 -10.01
CA SER C 102 11.75 7.80 -9.92
C SER C 102 11.10 6.92 -8.88
N SER C 103 10.84 5.67 -9.24
CA SER C 103 10.11 4.76 -8.37
C SER C 103 10.93 4.25 -7.19
N TRP C 104 12.26 4.24 -7.30
CA TRP C 104 13.10 3.59 -6.30
C TRP C 104 13.48 4.57 -5.20
N VAL C 105 12.48 4.92 -4.40
CA VAL C 105 12.62 5.87 -3.30
C VAL C 105 13.06 5.09 -2.05
N MET C 106 13.80 5.78 -1.17
CA MET C 106 14.34 5.12 0.01
C MET C 106 14.29 5.95 1.28
N THR C 107 13.74 7.17 1.27
CA THR C 107 13.75 8.01 2.46
C THR C 107 12.67 9.08 2.36
N CYS C 108 12.34 9.66 3.51
CA CYS C 108 11.36 10.72 3.65
C CYS C 108 11.82 11.75 4.68
N ALA C 109 11.29 12.95 4.56
CA ALA C 109 11.46 13.99 5.57
C ALA C 109 10.28 14.95 5.48
N TYR C 110 9.88 15.51 6.62
CA TYR C 110 8.77 16.43 6.67
C TYR C 110 9.25 17.71 7.35
N ALA C 111 8.95 18.86 6.74
CA ALA C 111 9.50 20.12 7.23
C ALA C 111 8.95 20.46 8.60
N PRO C 112 9.78 21.00 9.51
CA PRO C 112 9.28 21.31 10.86
C PRO C 112 8.22 22.40 10.90
N SER C 113 8.10 23.20 9.85
CA SER C 113 7.02 24.18 9.78
C SER C 113 5.74 23.54 9.27
N GLY C 114 5.83 22.76 8.19
CA GLY C 114 4.66 22.08 7.64
C GLY C 114 4.41 22.40 6.18
N ASN C 115 5.31 23.16 5.56
CA ASN C 115 5.12 23.63 4.19
C ASN C 115 5.81 22.77 3.13
N TYR C 116 6.71 21.87 3.52
CA TYR C 116 7.56 21.19 2.54
C TYR C 116 7.72 19.72 2.90
N VAL C 117 7.96 18.91 1.86
CA VAL C 117 8.38 17.51 2.03
C VAL C 117 9.56 17.23 1.11
N ALA C 118 10.30 16.16 1.39
CA ALA C 118 11.48 15.78 0.63
C ALA C 118 11.53 14.27 0.42
N CYS C 119 12.12 13.85 -0.69
CA CYS C 119 12.28 12.43 -0.97
C CYS C 119 13.46 12.20 -1.91
N GLY C 120 14.11 11.04 -1.75
CA GLY C 120 15.24 10.66 -2.58
C GLY C 120 15.38 9.15 -2.67
N GLY C 121 16.41 8.70 -3.40
CA GLY C 121 16.59 7.28 -3.60
C GLY C 121 17.74 6.85 -4.49
N LEU C 122 17.45 5.97 -5.45
CA LEU C 122 18.47 5.38 -6.32
C LEU C 122 18.72 6.18 -7.60
N ASP C 123 18.47 7.49 -7.58
CA ASP C 123 18.76 8.34 -8.71
C ASP C 123 19.78 9.44 -8.39
N ASN C 124 20.31 9.47 -7.17
CA ASN C 124 21.38 10.39 -6.77
C ASN C 124 20.88 11.84 -6.69
N ILE C 125 19.62 12.02 -6.30
CA ILE C 125 18.97 13.33 -6.33
C ILE C 125 18.06 13.44 -5.12
N CYS C 126 17.95 14.65 -4.56
CA CYS C 126 16.97 14.94 -3.52
C CYS C 126 15.92 15.91 -4.06
N SER C 127 14.65 15.50 -4.02
CA SER C 127 13.55 16.30 -4.55
C SER C 127 12.76 16.91 -3.40
N ILE C 128 12.42 18.19 -3.54
CA ILE C 128 11.74 18.96 -2.50
C ILE C 128 10.45 19.52 -3.08
N TYR C 129 9.34 19.25 -2.38
CA TYR C 129 7.98 19.52 -2.82
C TYR C 129 7.31 20.53 -1.90
N ASN C 130 6.55 21.44 -2.51
CA ASN C 130 5.86 22.53 -1.84
C ASN C 130 4.39 22.17 -1.65
N LEU C 131 3.92 22.18 -0.39
CA LEU C 131 2.59 21.72 -0.06
C LEU C 131 1.53 22.80 -0.13
N LYS C 132 1.88 24.05 0.18
CA LYS C 132 0.93 25.14 0.32
C LYS C 132 1.12 26.14 -0.80
N THR C 133 0.35 25.99 -1.88
CA THR C 133 0.42 26.85 -3.04
C THR C 133 -0.91 27.59 -3.23
N ARG C 134 -0.90 28.56 -4.14
CA ARG C 134 -2.09 29.27 -4.55
C ARG C 134 -2.82 28.55 -5.67
N GLU C 135 -2.38 27.36 -6.05
CA GLU C 135 -2.88 26.64 -7.20
C GLU C 135 -3.74 25.44 -6.85
N GLY C 136 -3.68 24.96 -5.61
CA GLY C 136 -4.44 23.81 -5.18
C GLY C 136 -3.72 22.49 -5.30
N ASN C 137 -2.67 22.42 -6.11
CA ASN C 137 -1.89 21.20 -6.32
C ASN C 137 -0.54 21.31 -5.64
N VAL C 138 0.17 20.19 -5.61
CA VAL C 138 1.53 20.12 -5.07
C VAL C 138 2.51 20.12 -6.23
N ARG C 139 3.53 20.95 -6.15
CA ARG C 139 4.53 21.09 -7.19
C ARG C 139 5.89 20.65 -6.69
N VAL C 140 6.79 20.40 -7.63
CA VAL C 140 8.18 20.10 -7.30
C VAL C 140 8.92 21.43 -7.19
N SER C 141 9.47 21.71 -6.01
CA SER C 141 10.08 23.01 -5.76
C SER C 141 11.57 23.01 -6.09
N ARG C 142 12.27 21.91 -5.84
CA ARG C 142 13.70 21.93 -6.04
C ARG C 142 14.23 20.52 -6.29
N GLU C 143 15.27 20.42 -7.10
CA GLU C 143 16.00 19.18 -7.32
C GLU C 143 17.48 19.41 -7.03
N LEU C 144 18.01 18.72 -6.02
CA LEU C 144 19.39 18.86 -5.59
C LEU C 144 20.19 17.70 -6.12
N ALA C 145 21.22 18.01 -6.92
CA ALA C 145 22.09 17.03 -7.56
C ALA C 145 23.54 17.35 -7.22
N GLY C 146 24.38 16.31 -7.25
CA GLY C 146 25.78 16.48 -6.92
C GLY C 146 26.38 15.28 -6.20
N HIS C 147 25.54 14.36 -5.77
CA HIS C 147 26.01 13.09 -5.22
C HIS C 147 26.28 12.11 -6.34
N THR C 148 27.10 11.09 -6.05
CA THR C 148 27.43 10.07 -7.03
C THR C 148 26.96 8.67 -6.66
N GLY C 149 26.48 8.46 -5.42
CA GLY C 149 25.88 7.21 -5.03
C GLY C 149 24.52 7.45 -4.39
N TYR C 150 23.78 6.36 -4.21
CA TYR C 150 22.38 6.46 -3.80
C TYR C 150 22.24 7.25 -2.50
N LEU C 151 21.07 7.85 -2.33
CA LEU C 151 20.77 8.71 -1.21
C LEU C 151 19.98 7.93 -0.17
N SER C 152 20.44 7.94 1.08
CA SER C 152 19.85 7.08 2.09
C SER C 152 19.18 7.79 3.27
N CYS C 153 19.38 9.10 3.43
CA CYS C 153 18.67 9.82 4.49
C CYS C 153 18.71 11.31 4.19
N CYS C 154 17.80 12.05 4.84
CA CYS C 154 17.69 13.50 4.67
C CYS C 154 16.81 14.06 5.77
N ARG C 155 17.19 15.22 6.31
CA ARG C 155 16.47 15.87 7.40
C ARG C 155 16.55 17.38 7.26
N PHE C 156 15.41 18.05 7.28
CA PHE C 156 15.36 19.50 7.24
C PHE C 156 15.96 20.10 8.52
N LEU C 157 16.41 21.35 8.41
CA LEU C 157 16.74 22.18 9.55
C LEU C 157 15.82 23.39 9.69
N ASP C 158 15.53 24.06 8.58
CA ASP C 158 14.46 25.06 8.49
C ASP C 158 13.95 25.03 7.07
N ASP C 159 13.22 26.06 6.67
CA ASP C 159 12.67 26.09 5.31
C ASP C 159 13.71 26.31 4.23
N ASN C 160 14.99 26.48 4.59
CA ASN C 160 16.01 26.83 3.60
C ASN C 160 17.23 25.91 3.59
N GLN C 161 17.49 25.15 4.66
CA GLN C 161 18.70 24.35 4.76
C GLN C 161 18.36 22.88 4.97
N ILE C 162 19.08 21.98 4.28
CA ILE C 162 18.84 20.56 4.40
C ILE C 162 20.18 19.83 4.48
N VAL C 163 20.17 18.62 5.02
CA VAL C 163 21.36 17.79 5.16
C VAL C 163 21.05 16.38 4.68
N THR C 164 21.93 15.81 3.86
CA THR C 164 21.71 14.49 3.26
C THR C 164 22.93 13.61 3.40
N SER C 165 22.70 12.30 3.28
CA SER C 165 23.73 11.27 3.35
C SER C 165 23.61 10.33 2.16
N SER C 166 24.75 9.92 1.62
CA SER C 166 24.79 9.12 0.40
C SER C 166 25.76 7.95 0.57
N GLY C 167 25.76 7.06 -0.42
CA GLY C 167 26.64 5.92 -0.50
C GLY C 167 28.05 6.21 -0.98
N ASP C 168 28.35 7.48 -1.29
CA ASP C 168 29.69 7.90 -1.66
C ASP C 168 30.65 7.88 -0.49
N THR C 169 30.15 7.68 0.74
CA THR C 169 30.82 7.89 2.03
C THR C 169 30.81 9.35 2.44
N THR C 170 30.02 10.20 1.77
CA THR C 170 30.02 11.63 2.03
C THR C 170 28.63 12.09 2.46
N CYS C 171 28.61 13.08 3.37
CA CYS C 171 27.40 13.79 3.71
C CYS C 171 27.49 15.22 3.20
N ALA C 172 26.34 15.87 3.04
CA ALA C 172 26.34 17.21 2.47
C ALA C 172 25.27 18.08 3.12
N LEU C 173 25.60 19.37 3.28
CA LEU C 173 24.67 20.39 3.76
C LEU C 173 24.40 21.37 2.63
N TRP C 174 23.13 21.48 2.25
CA TRP C 174 22.67 22.25 1.10
C TRP C 174 21.82 23.44 1.51
N ASP C 175 21.96 24.51 0.72
CA ASP C 175 21.12 25.71 0.81
C ASP C 175 20.09 25.61 -0.32
N ILE C 176 18.82 25.50 0.05
CA ILE C 176 17.78 25.10 -0.90
C ILE C 176 17.58 26.19 -1.96
N GLU C 177 17.67 27.46 -1.57
CA GLU C 177 17.30 28.54 -2.47
C GLU C 177 18.18 28.58 -3.71
N THR C 178 19.49 28.44 -3.53
CA THR C 178 20.42 28.45 -4.65
C THR C 178 20.62 27.08 -5.27
N GLY C 179 20.50 26.02 -4.48
CA GLY C 179 20.71 24.67 -5.00
C GLY C 179 22.15 24.23 -5.01
N GLN C 180 23.00 24.81 -4.16
CA GLN C 180 24.42 24.55 -4.15
C GLN C 180 24.83 23.88 -2.84
N GLN C 181 25.81 22.99 -2.92
CA GLN C 181 26.35 22.34 -1.74
C GLN C 181 27.09 23.38 -0.90
N THR C 182 26.52 23.72 0.26
CA THR C 182 27.19 24.66 1.15
C THR C 182 28.37 24.02 1.87
N THR C 183 28.24 22.75 2.26
CA THR C 183 29.34 22.09 2.95
C THR C 183 29.33 20.60 2.64
N THR C 184 30.51 20.00 2.63
CA THR C 184 30.69 18.56 2.46
C THR C 184 31.43 17.98 3.66
N PHE C 185 30.97 16.83 4.13
CA PHE C 185 31.57 16.11 5.25
C PHE C 185 32.08 14.77 4.75
N THR C 186 33.38 14.55 4.88
CA THR C 186 34.04 13.36 4.38
C THR C 186 34.85 12.71 5.50
N GLY C 187 35.11 11.41 5.34
CA GLY C 187 35.90 10.69 6.31
C GLY C 187 35.52 9.24 6.53
N HIS C 188 34.30 8.86 6.16
CA HIS C 188 33.90 7.46 6.24
C HIS C 188 34.53 6.64 5.13
N THR C 189 34.75 5.36 5.41
CA THR C 189 35.32 4.42 4.46
C THR C 189 34.25 3.70 3.65
N GLY C 190 33.14 3.32 4.29
CA GLY C 190 32.05 2.64 3.63
C GLY C 190 30.79 3.49 3.56
N ASP C 191 29.74 2.88 3.01
CA ASP C 191 28.50 3.59 2.75
C ASP C 191 27.88 4.10 4.04
N VAL C 192 27.32 5.31 3.97
CA VAL C 192 26.61 5.91 5.09
C VAL C 192 25.13 5.59 4.96
N MET C 193 24.53 5.06 6.03
CA MET C 193 23.16 4.56 5.94
C MET C 193 22.13 5.38 6.69
N SER C 194 22.53 6.24 7.63
CA SER C 194 21.56 6.96 8.43
C SER C 194 22.22 8.17 9.10
N LEU C 195 21.38 9.09 9.57
CA LEU C 195 21.83 10.24 10.34
C LEU C 195 20.67 10.73 11.21
N SER C 196 21.01 11.43 12.29
CA SER C 196 20.03 11.91 13.25
C SER C 196 20.46 13.27 13.79
N LEU C 197 19.63 14.29 13.55
CA LEU C 197 19.90 15.62 14.06
C LEU C 197 19.77 15.66 15.57
N ALA C 198 20.12 16.81 16.15
CA ALA C 198 19.97 17.06 17.57
C ALA C 198 18.86 18.07 17.81
N PRO C 199 18.21 18.04 18.97
CA PRO C 199 17.11 19.00 19.20
C PRO C 199 17.61 20.39 19.54
N ASP C 200 18.67 20.83 18.87
CA ASP C 200 19.00 22.25 18.77
C ASP C 200 19.59 22.62 17.42
N THR C 201 19.70 21.68 16.49
CA THR C 201 20.29 21.89 15.17
C THR C 201 21.67 22.56 15.27
N ARG C 202 22.58 21.85 15.96
CA ARG C 202 23.95 22.35 16.12
C ARG C 202 24.97 21.28 15.76
N LEU C 203 24.58 20.02 15.90
CA LEU C 203 25.45 18.87 15.63
C LEU C 203 24.63 17.77 15.00
N PHE C 204 25.30 16.74 14.49
CA PHE C 204 24.57 15.55 14.07
C PHE C 204 25.49 14.34 14.06
N VAL C 205 24.89 13.15 13.94
CA VAL C 205 25.60 11.89 14.01
C VAL C 205 25.29 11.09 12.75
N SER C 206 26.24 10.21 12.38
CA SER C 206 26.13 9.44 11.15
C SER C 206 26.69 8.04 11.36
N GLY C 207 26.04 7.05 10.77
CA GLY C 207 26.48 5.66 10.89
C GLY C 207 26.76 5.07 9.52
N ALA C 208 27.84 4.28 9.44
CA ALA C 208 28.34 3.83 8.14
C ALA C 208 28.53 2.33 8.11
N CYS C 209 28.69 1.81 6.89
CA CYS C 209 28.84 0.38 6.64
C CYS C 209 30.19 -0.15 7.08
N ASP C 210 31.14 0.71 7.43
CA ASP C 210 32.41 0.24 8.00
C ASP C 210 32.30 0.01 9.51
N ALA C 211 31.08 -0.13 10.03
CA ALA C 211 30.82 -0.37 11.45
C ALA C 211 31.40 0.75 12.32
N SER C 212 31.00 1.98 12.01
CA SER C 212 31.48 3.13 12.76
C SER C 212 30.43 4.22 12.75
N ALA C 213 30.51 5.09 13.76
CA ALA C 213 29.66 6.27 13.88
C ALA C 213 30.53 7.50 14.06
N LYS C 214 30.06 8.62 13.53
CA LYS C 214 30.79 9.88 13.62
C LYS C 214 29.87 11.02 14.03
N LEU C 215 30.36 11.85 14.95
CA LEU C 215 29.68 13.06 15.39
C LEU C 215 30.33 14.27 14.73
N TRP C 216 29.51 15.06 14.03
CA TRP C 216 29.94 16.19 13.22
C TRP C 216 29.36 17.49 13.74
N ASP C 217 30.15 18.55 13.63
CA ASP C 217 29.72 19.92 13.84
C ASP C 217 29.31 20.54 12.51
N VAL C 218 28.20 21.27 12.52
CA VAL C 218 27.59 21.72 11.27
C VAL C 218 28.19 23.03 10.78
N ARG C 219 28.36 24.00 11.67
CA ARG C 219 28.85 25.31 11.24
C ARG C 219 30.33 25.26 10.85
N GLU C 220 31.15 24.57 11.63
CA GLU C 220 32.56 24.43 11.27
C GLU C 220 32.73 23.59 10.01
N GLY C 221 32.08 22.42 9.97
CA GLY C 221 32.13 21.58 8.80
C GLY C 221 33.18 20.49 8.83
N MET C 222 33.51 19.96 10.01
CA MET C 222 34.57 18.97 10.13
C MET C 222 34.17 17.92 11.15
N CYS C 223 34.77 16.74 11.02
CA CYS C 223 34.52 15.66 11.96
C CYS C 223 34.97 16.05 13.36
N ARG C 224 34.17 15.68 14.35
CA ARG C 224 34.48 16.01 15.74
C ARG C 224 34.74 14.79 16.61
N GLN C 225 34.01 13.69 16.41
CA GLN C 225 34.29 12.51 17.23
C GLN C 225 33.88 11.26 16.48
N THR C 226 34.45 10.12 16.91
CA THR C 226 34.16 8.83 16.29
C THR C 226 33.93 7.77 17.36
N PHE C 227 33.06 6.81 17.03
CA PHE C 227 32.68 5.73 17.94
C PHE C 227 32.71 4.41 17.18
N THR C 228 33.29 3.40 17.81
CA THR C 228 33.39 2.04 17.28
C THR C 228 32.89 1.06 18.33
N GLY C 229 32.78 -0.21 17.92
CA GLY C 229 32.40 -1.24 18.86
C GLY C 229 31.52 -2.35 18.30
N HIS C 230 30.76 -2.07 17.25
CA HIS C 230 29.91 -3.10 16.68
C HIS C 230 30.76 -4.12 15.90
N GLU C 231 30.10 -5.09 15.29
CA GLU C 231 30.77 -6.10 14.49
C GLU C 231 30.42 -6.05 13.00
N SER C 232 29.27 -5.49 12.64
CA SER C 232 28.91 -5.36 11.24
C SER C 232 28.34 -3.97 10.97
N ASP C 233 27.77 -3.76 9.79
CA ASP C 233 27.32 -2.44 9.40
C ASP C 233 26.12 -1.99 10.24
N ILE C 234 25.96 -0.66 10.32
CA ILE C 234 24.95 -0.02 11.14
C ILE C 234 23.80 0.39 10.23
N ASN C 235 22.57 -0.01 10.59
CA ASN C 235 21.42 0.24 9.74
C ASN C 235 20.54 1.40 10.17
N ALA C 236 20.60 1.78 11.45
CA ALA C 236 19.76 2.85 11.96
C ALA C 236 20.40 3.48 13.18
N ILE C 237 20.14 4.76 13.38
CA ILE C 237 20.70 5.52 14.49
C ILE C 237 19.64 6.50 15.00
N CYS C 238 19.60 6.69 16.32
CA CYS C 238 18.67 7.62 16.95
C CYS C 238 19.44 8.41 18.00
N PHE C 239 18.77 9.41 18.58
CA PHE C 239 19.47 10.36 19.44
C PHE C 239 18.62 10.60 20.69
N PHE C 240 19.25 10.57 21.85
CA PHE C 240 18.55 10.64 23.12
C PHE C 240 17.92 12.03 23.31
N PRO C 241 16.78 12.11 24.01
CA PRO C 241 16.07 13.41 24.11
C PRO C 241 16.88 14.54 24.72
N ASN C 242 17.68 14.30 25.76
CA ASN C 242 18.33 15.42 26.44
C ASN C 242 19.52 15.97 25.67
N GLY C 243 20.02 15.25 24.67
CA GLY C 243 21.09 15.73 23.83
C GLY C 243 22.48 15.22 24.14
N ASN C 244 22.62 14.23 25.02
CA ASN C 244 23.95 13.78 25.44
C ASN C 244 24.16 12.28 25.23
N ALA C 245 23.34 11.62 24.42
CA ALA C 245 23.52 10.19 24.18
C ALA C 245 22.86 9.83 22.86
N PHE C 246 23.21 8.65 22.35
CA PHE C 246 22.58 8.15 21.14
C PHE C 246 22.70 6.64 21.07
N ALA C 247 21.71 6.00 20.44
CA ALA C 247 21.61 4.55 20.37
C ALA C 247 21.66 4.09 18.92
N THR C 248 22.42 3.02 18.68
CA THR C 248 22.63 2.48 17.35
C THR C 248 22.10 1.06 17.24
N GLY C 249 21.75 0.67 16.02
CA GLY C 249 21.36 -0.68 15.70
C GLY C 249 22.04 -1.23 14.46
N SER C 250 22.80 -2.30 14.63
CA SER C 250 23.59 -2.89 13.55
C SER C 250 22.93 -4.15 13.01
N ASP C 251 23.67 -4.88 12.16
CA ASP C 251 23.22 -6.13 11.58
C ASP C 251 23.71 -7.34 12.38
N ASP C 252 24.16 -7.11 13.61
CA ASP C 252 24.67 -8.13 14.51
C ASP C 252 23.61 -8.79 15.36
N ALA C 253 22.36 -8.31 15.28
CA ALA C 253 21.28 -8.62 16.24
C ALA C 253 21.56 -7.96 17.60
N THR C 254 22.16 -6.77 17.58
CA THR C 254 22.48 -6.05 18.80
C THR C 254 22.13 -4.58 18.62
N CYS C 255 21.73 -3.94 19.72
CA CYS C 255 21.63 -2.49 19.79
C CYS C 255 22.56 -1.99 20.89
N ARG C 256 22.98 -0.74 20.81
CA ARG C 256 23.94 -0.23 21.78
C ARG C 256 23.65 1.24 22.08
N LEU C 257 24.16 1.68 23.23
CA LEU C 257 24.02 3.07 23.67
C LEU C 257 25.40 3.70 23.90
N PHE C 258 25.65 4.84 23.25
CA PHE C 258 26.89 5.58 23.37
C PHE C 258 26.63 6.95 23.97
N ASP C 259 27.62 7.44 24.71
CA ASP C 259 27.56 8.74 25.38
C ASP C 259 28.64 9.66 24.86
N LEU C 260 28.27 10.91 24.58
CA LEU C 260 29.21 11.86 23.98
C LEU C 260 30.27 12.32 24.98
N ARG C 261 29.85 12.67 26.20
CA ARG C 261 30.77 13.32 27.14
C ARG C 261 31.78 12.32 27.71
N ALA C 262 31.33 11.12 28.10
CA ALA C 262 32.24 10.13 28.65
C ALA C 262 33.08 9.44 27.58
N ASP C 263 32.64 9.50 26.31
CA ASP C 263 33.36 8.87 25.19
C ASP C 263 33.57 7.37 25.46
N GLN C 264 32.46 6.67 25.66
CA GLN C 264 32.48 5.26 26.04
C GLN C 264 31.31 4.55 25.39
N GLU C 265 31.02 3.35 25.86
CA GLU C 265 29.82 2.60 25.55
C GLU C 265 29.10 2.28 26.84
N LEU C 266 27.76 2.32 26.81
CA LEU C 266 26.98 2.23 28.04
C LEU C 266 26.32 0.87 28.20
N MET C 267 25.49 0.42 27.26
CA MET C 267 24.88 -0.90 27.34
C MET C 267 24.60 -1.44 25.96
N THR C 268 24.41 -2.76 25.91
CA THR C 268 24.03 -3.49 24.71
C THR C 268 22.71 -4.22 24.97
N TYR C 269 21.83 -4.20 23.98
CA TYR C 269 20.52 -4.84 24.05
C TYR C 269 20.48 -5.93 22.98
N SER C 270 20.53 -7.18 23.42
CA SER C 270 20.52 -8.34 22.55
C SER C 270 19.99 -9.55 23.32
N HIS C 271 19.45 -10.51 22.59
CA HIS C 271 18.90 -11.73 23.18
C HIS C 271 19.33 -12.94 22.36
N ASP C 272 19.45 -14.09 23.03
CA ASP C 272 19.98 -15.28 22.39
C ASP C 272 19.02 -15.89 21.37
N ASN C 273 17.73 -15.63 21.48
CA ASN C 273 16.77 -16.15 20.52
C ASN C 273 16.63 -15.27 19.28
N ILE C 274 17.28 -14.12 19.24
CA ILE C 274 17.20 -13.21 18.11
C ILE C 274 18.52 -13.30 17.35
N ILE C 275 18.45 -13.77 16.10
CA ILE C 275 19.64 -13.90 15.27
C ILE C 275 19.41 -13.22 13.91
N CYS C 276 18.54 -12.22 13.89
CA CYS C 276 18.28 -11.44 12.69
C CYS C 276 18.83 -10.03 12.86
N GLY C 277 18.57 -9.18 11.88
CA GLY C 277 19.08 -7.82 11.87
C GLY C 277 18.02 -6.79 12.26
N ILE C 278 18.49 -5.73 12.91
CA ILE C 278 17.63 -4.60 13.26
C ILE C 278 17.51 -3.68 12.05
N THR C 279 16.38 -2.99 11.95
CA THR C 279 16.13 -2.10 10.82
C THR C 279 15.84 -0.65 11.22
N SER C 280 15.41 -0.38 12.45
CA SER C 280 15.07 0.97 12.88
C SER C 280 14.94 0.98 14.40
N VAL C 281 15.30 2.11 15.00
CA VAL C 281 15.19 2.30 16.44
C VAL C 281 14.58 3.68 16.72
N SER C 282 14.05 3.84 17.92
CA SER C 282 13.54 5.14 18.36
C SER C 282 13.39 5.13 19.88
N PHE C 283 13.28 6.32 20.45
CA PHE C 283 13.11 6.51 21.89
C PHE C 283 11.69 6.96 22.20
N SER C 284 11.43 7.19 23.48
CA SER C 284 10.16 7.70 23.95
C SER C 284 10.38 9.06 24.63
N LYS C 285 9.28 9.75 24.93
CA LYS C 285 9.35 11.13 25.38
C LYS C 285 10.27 11.32 26.57
N SER C 286 10.19 10.43 27.56
CA SER C 286 11.07 10.51 28.72
C SER C 286 12.31 9.64 28.59
N GLY C 287 12.49 8.96 27.46
CA GLY C 287 13.64 8.10 27.28
C GLY C 287 13.66 6.90 28.20
N ARG C 288 12.51 6.25 28.41
CA ARG C 288 12.43 5.05 29.22
C ARG C 288 12.10 3.81 28.41
N LEU C 289 11.75 3.96 27.13
CA LEU C 289 11.40 2.84 26.28
C LEU C 289 12.11 3.02 24.95
N LEU C 290 13.00 2.08 24.61
CA LEU C 290 13.62 2.04 23.29
C LEU C 290 12.87 1.04 22.43
N LEU C 291 12.30 1.49 21.33
CA LEU C 291 11.54 0.62 20.44
C LEU C 291 12.41 0.31 19.23
N ALA C 292 12.43 -0.97 18.84
CA ALA C 292 13.29 -1.40 17.74
C ALA C 292 12.56 -2.39 16.84
N GLY C 293 12.68 -2.18 15.53
CA GLY C 293 12.11 -3.11 14.57
C GLY C 293 13.12 -4.19 14.18
N TYR C 294 12.61 -5.33 13.76
CA TYR C 294 13.44 -6.51 13.53
C TYR C 294 13.03 -7.18 12.22
N ASP C 295 13.77 -8.23 11.87
CA ASP C 295 13.51 -9.00 10.65
C ASP C 295 12.51 -10.13 10.86
N ASP C 296 12.23 -10.51 12.10
CA ASP C 296 11.32 -11.58 12.49
C ASP C 296 9.87 -11.25 12.24
N PHE C 297 9.61 -10.12 11.58
CA PHE C 297 8.30 -9.59 11.21
C PHE C 297 7.62 -8.84 12.35
N ASN C 298 8.28 -8.66 13.49
CA ASN C 298 7.68 -7.95 14.60
C ASN C 298 8.74 -7.08 15.28
N CYS C 299 8.28 -6.06 15.98
CA CYS C 299 9.15 -5.10 16.64
C CYS C 299 9.04 -5.24 18.16
N ASN C 300 10.15 -5.02 18.84
CA ASN C 300 10.27 -5.22 20.27
C ASN C 300 10.40 -3.88 21.01
N VAL C 301 10.06 -3.93 22.29
CA VAL C 301 10.14 -2.80 23.19
C VAL C 301 11.12 -3.16 24.30
N TRP C 302 12.10 -2.29 24.55
CA TRP C 302 13.14 -2.53 25.53
C TRP C 302 13.07 -1.47 26.61
N ASP C 303 13.11 -1.90 27.87
CA ASP C 303 13.40 -0.98 28.94
C ASP C 303 14.82 -0.45 28.74
N ALA C 304 14.98 0.87 28.82
CA ALA C 304 16.23 1.49 28.39
C ALA C 304 17.26 1.63 29.51
N LEU C 305 16.85 1.54 30.77
CA LEU C 305 17.78 1.70 31.88
C LEU C 305 18.18 0.38 32.52
N LYS C 306 17.53 -0.73 32.17
CA LYS C 306 17.86 -2.04 32.72
C LYS C 306 18.10 -3.10 31.66
N ALA C 307 17.74 -2.86 30.40
CA ALA C 307 18.09 -3.73 29.28
C ALA C 307 17.44 -5.11 29.42
N ASP C 308 16.18 -5.15 29.84
CA ASP C 308 15.48 -6.43 29.94
C ASP C 308 13.97 -6.24 29.71
N ARG C 309 13.55 -6.40 28.45
CA ARG C 309 12.13 -6.42 28.10
C ARG C 309 11.96 -6.70 26.62
N ALA C 310 10.84 -7.33 26.25
CA ALA C 310 10.43 -7.36 24.85
C ALA C 310 8.90 -7.40 24.84
N GLY C 311 8.29 -6.22 24.80
CA GLY C 311 6.84 -6.11 24.69
C GLY C 311 6.41 -6.16 23.25
N VAL C 312 6.45 -7.37 22.68
CA VAL C 312 6.34 -7.54 21.23
C VAL C 312 5.10 -6.85 20.69
N LEU C 313 5.27 -6.08 19.62
CA LEU C 313 4.15 -5.55 18.86
C LEU C 313 3.89 -6.41 17.62
N ALA C 314 3.52 -7.66 17.87
CA ALA C 314 3.24 -8.59 16.79
C ALA C 314 1.97 -8.17 16.04
N GLY C 315 1.89 -8.56 14.78
CA GLY C 315 0.79 -8.10 13.94
C GLY C 315 1.18 -7.67 12.54
N HIS C 316 2.40 -7.98 12.12
CA HIS C 316 2.84 -7.74 10.75
C HIS C 316 3.25 -9.05 10.11
N ASP C 317 3.09 -9.13 8.78
CA ASP C 317 3.36 -10.33 8.02
C ASP C 317 4.70 -10.32 7.31
N ASN C 318 5.50 -9.27 7.47
CA ASN C 318 6.80 -9.19 6.81
C ASN C 318 7.71 -8.30 7.63
N ARG C 319 8.86 -7.95 7.06
CA ARG C 319 9.88 -7.20 7.79
C ARG C 319 9.41 -5.80 8.13
N VAL C 320 9.72 -5.37 9.37
CA VAL C 320 9.42 -4.01 9.81
C VAL C 320 10.47 -3.06 9.26
N SER C 321 10.03 -2.10 8.45
CA SER C 321 10.94 -1.16 7.79
C SER C 321 11.18 0.11 8.59
N CYS C 322 10.13 0.64 9.22
CA CYS C 322 10.16 1.99 9.78
C CYS C 322 9.20 2.09 10.96
N LEU C 323 9.60 2.87 11.96
CA LEU C 323 8.74 3.12 13.10
C LEU C 323 9.06 4.50 13.68
N GLY C 324 8.06 5.08 14.36
CA GLY C 324 8.21 6.44 14.87
C GLY C 324 7.27 6.76 16.00
N VAL C 325 7.62 7.80 16.75
CA VAL C 325 6.89 8.26 17.94
C VAL C 325 6.60 9.74 17.80
N THR C 326 5.39 10.15 18.24
CA THR C 326 4.96 11.53 18.12
C THR C 326 5.75 12.45 19.05
N ASP C 327 5.59 13.76 18.84
CA ASP C 327 6.28 14.73 19.69
C ASP C 327 5.66 14.84 21.06
N ASP C 328 4.33 14.77 21.16
CA ASP C 328 3.69 14.75 22.47
C ASP C 328 3.89 13.39 23.14
N GLY C 329 3.86 12.32 22.37
CA GLY C 329 4.25 11.01 22.84
C GLY C 329 3.15 10.02 23.10
N MET C 330 1.96 10.22 22.55
CA MET C 330 0.83 9.37 22.87
C MET C 330 0.70 8.15 21.98
N ALA C 331 1.14 8.22 20.72
CA ALA C 331 0.98 7.12 19.78
C ALA C 331 2.33 6.65 19.27
N VAL C 332 2.31 5.50 18.60
CA VAL C 332 3.48 4.93 17.93
C VAL C 332 3.02 4.36 16.59
N ALA C 333 3.82 4.57 15.55
CA ALA C 333 3.47 4.10 14.22
C ALA C 333 4.54 3.15 13.71
N THR C 334 4.11 2.08 13.03
CA THR C 334 5.02 1.14 12.38
C THR C 334 4.54 0.83 10.97
N GLY C 335 5.51 0.64 10.06
CA GLY C 335 5.23 0.17 8.72
C GLY C 335 6.08 -1.03 8.41
N SER C 336 5.76 -1.72 7.32
CA SER C 336 6.45 -2.95 6.99
C SER C 336 6.34 -3.24 5.49
N TRP C 337 6.92 -4.37 5.09
CA TRP C 337 6.98 -4.78 3.69
C TRP C 337 5.68 -5.39 3.18
N ASP C 338 4.68 -5.58 4.05
CA ASP C 338 3.37 -6.06 3.63
C ASP C 338 2.42 -4.94 3.24
N SER C 339 2.89 -3.68 3.26
CA SER C 339 2.15 -2.51 2.77
C SER C 339 1.02 -2.09 3.70
N PHE C 340 1.25 -2.16 5.01
CA PHE C 340 0.27 -1.66 5.98
C PHE C 340 0.97 -0.88 7.07
N LEU C 341 0.32 0.20 7.54
CA LEU C 341 0.77 0.98 8.68
C LEU C 341 -0.14 0.71 9.87
N LYS C 342 0.44 0.74 11.06
CA LYS C 342 -0.34 0.48 12.26
C LYS C 342 0.02 1.48 13.35
N ILE C 343 -1.00 1.92 14.08
CA ILE C 343 -0.88 2.90 15.16
C ILE C 343 -1.23 2.20 16.47
N TRP C 344 -0.38 2.39 17.47
CA TRP C 344 -0.50 1.71 18.75
C TRP C 344 -0.42 2.73 19.89
N ASN C 345 -1.11 2.43 20.98
CA ASN C 345 -0.91 3.09 22.25
C ASN C 345 -1.48 2.25 23.38
N ASN D 5 54.89 7.36 -3.85
CA ASN D 5 54.79 8.80 -4.10
C ASN D 5 54.63 9.57 -2.79
N THR D 6 53.99 10.74 -2.88
CA THR D 6 53.73 11.58 -1.72
C THR D 6 52.25 11.70 -1.38
N ALA D 7 51.36 11.18 -2.23
CA ALA D 7 49.93 11.20 -1.91
C ALA D 7 49.63 10.36 -0.67
N SER D 8 50.26 9.19 -0.57
CA SER D 8 50.11 8.37 0.62
C SER D 8 50.65 9.08 1.85
N ILE D 9 51.73 9.85 1.68
CA ILE D 9 52.28 10.64 2.78
C ILE D 9 51.25 11.66 3.25
N ALA D 10 50.60 12.35 2.31
CA ALA D 10 49.58 13.33 2.67
C ALA D 10 48.39 12.67 3.36
N GLN D 11 47.97 11.51 2.87
CA GLN D 11 46.84 10.81 3.49
C GLN D 11 47.18 10.38 4.91
N ALA D 12 48.38 9.83 5.11
CA ALA D 12 48.80 9.44 6.45
C ALA D 12 48.93 10.66 7.37
N ARG D 13 49.40 11.78 6.83
CA ARG D 13 49.48 13.01 7.61
C ARG D 13 48.09 13.47 8.04
N LYS D 14 47.12 13.39 7.14
CA LYS D 14 45.74 13.76 7.49
C LYS D 14 45.19 12.84 8.58
N LEU D 15 45.45 11.53 8.45
CA LEU D 15 44.99 10.59 9.48
C LEU D 15 45.63 10.90 10.83
N VAL D 16 46.93 11.19 10.83
CA VAL D 16 47.63 11.52 12.07
C VAL D 16 47.07 12.79 12.68
N GLU D 17 46.81 13.81 11.85
CA GLU D 17 46.27 15.06 12.36
C GLU D 17 44.88 14.87 12.95
N GLN D 18 44.03 14.08 12.30
CA GLN D 18 42.70 13.82 12.84
C GLN D 18 42.79 13.05 14.17
N LEU D 19 43.68 12.06 14.23
CA LEU D 19 43.86 11.33 15.48
C LEU D 19 44.36 12.23 16.60
N LYS D 20 45.30 13.13 16.28
CA LYS D 20 45.80 14.07 17.27
C LYS D 20 44.70 15.01 17.75
N MET D 21 43.86 15.49 16.83
CA MET D 21 42.75 16.35 17.22
C MET D 21 41.79 15.62 18.14
N GLU D 22 41.49 14.35 17.83
CA GLU D 22 40.59 13.59 18.69
C GLU D 22 41.21 13.32 20.05
N ALA D 23 42.52 13.09 20.10
CA ALA D 23 43.18 12.70 21.34
C ALA D 23 43.11 13.79 22.42
N ASN D 24 42.92 15.05 22.02
CA ASN D 24 42.87 16.16 22.97
C ASN D 24 41.42 16.54 23.22
N ILE D 25 40.77 15.77 24.10
CA ILE D 25 39.39 16.02 24.49
C ILE D 25 39.27 15.74 25.99
N ASP D 26 38.49 16.57 26.69
CA ASP D 26 38.23 16.35 28.10
C ASP D 26 37.17 15.26 28.27
N ARG D 27 37.22 14.59 29.42
CA ARG D 27 36.34 13.45 29.66
C ARG D 27 35.86 13.46 31.10
N ILE D 28 34.72 12.80 31.31
CA ILE D 28 34.14 12.63 32.63
C ILE D 28 33.85 11.15 32.84
N LYS D 29 33.79 10.75 34.11
CA LYS D 29 33.61 9.35 34.45
C LYS D 29 32.21 8.88 34.11
N VAL D 30 32.06 7.55 33.98
CA VAL D 30 30.80 6.97 33.53
C VAL D 30 29.69 7.19 34.56
N SER D 31 30.03 7.20 35.84
CA SER D 31 29.00 7.34 36.88
C SER D 31 28.23 8.64 36.74
N LYS D 32 28.92 9.73 36.36
CA LYS D 32 28.25 11.00 36.17
C LYS D 32 27.21 10.94 35.06
N ALA D 33 27.58 10.34 33.92
CA ALA D 33 26.64 10.21 32.82
C ALA D 33 25.48 9.30 33.18
N ALA D 34 25.75 8.22 33.91
CA ALA D 34 24.69 7.35 34.38
C ALA D 34 23.71 8.10 35.26
N ALA D 35 24.23 8.89 36.20
CA ALA D 35 23.38 9.68 37.08
C ALA D 35 22.56 10.70 36.30
N ASP D 36 23.17 11.34 35.30
CA ASP D 36 22.44 12.34 34.53
C ASP D 36 21.31 11.73 33.72
N LEU D 37 21.57 10.59 33.07
CA LEU D 37 20.49 9.90 32.34
C LEU D 37 19.39 9.45 33.30
N MET D 38 19.79 8.94 34.47
CA MET D 38 18.81 8.53 35.48
C MET D 38 17.94 9.71 35.91
N ALA D 39 18.56 10.86 36.14
CA ALA D 39 17.82 12.04 36.59
C ALA D 39 16.84 12.51 35.52
N TYR D 40 17.29 12.58 34.26
CA TYR D 40 16.38 13.03 33.21
C TYR D 40 15.24 12.05 33.01
N CYS D 41 15.50 10.74 33.16
CA CYS D 41 14.41 9.77 33.02
C CYS D 41 13.42 9.87 34.18
N GLU D 42 13.92 10.08 35.39
CA GLU D 42 13.06 10.08 36.56
C GLU D 42 12.33 11.41 36.76
N ALA D 43 12.80 12.49 36.13
CA ALA D 43 12.18 13.80 36.32
C ALA D 43 11.10 14.13 35.31
N HIS D 44 10.89 13.29 34.30
CA HIS D 44 9.82 13.49 33.33
C HIS D 44 8.91 12.27 33.24
N ALA D 45 8.93 11.40 34.25
CA ALA D 45 8.22 10.12 34.18
C ALA D 45 6.70 10.32 34.09
N LYS D 46 6.15 11.23 34.89
CA LYS D 46 4.71 11.34 35.01
C LYS D 46 4.03 11.86 33.74
N GLU D 47 4.79 12.43 32.81
CA GLU D 47 4.22 12.97 31.58
C GLU D 47 4.53 12.11 30.36
N ASP D 48 4.81 10.82 30.56
CA ASP D 48 5.03 9.91 29.45
C ASP D 48 3.74 9.16 29.16
N PRO D 49 3.06 9.42 28.04
CA PRO D 49 1.75 8.78 27.78
C PRO D 49 1.84 7.29 27.46
N LEU D 50 3.03 6.70 27.40
CA LEU D 50 3.18 5.28 27.13
C LEU D 50 3.69 4.49 28.32
N LEU D 51 4.59 5.07 29.12
CA LEU D 51 5.00 4.42 30.35
C LEU D 51 3.84 4.31 31.33
N THR D 52 3.04 5.36 31.44
CA THR D 52 1.85 5.38 32.31
C THR D 52 0.67 5.83 31.47
N PRO D 53 -0.21 4.92 31.05
CA PRO D 53 -1.32 5.30 30.18
C PRO D 53 -2.31 6.22 30.88
N VAL D 54 -3.00 7.01 30.07
CA VAL D 54 -3.92 8.04 30.54
C VAL D 54 -5.34 7.49 30.54
N PRO D 55 -6.27 8.08 31.29
CA PRO D 55 -7.67 7.63 31.25
C PRO D 55 -8.24 7.72 29.84
N ALA D 56 -9.13 6.78 29.53
CA ALA D 56 -9.66 6.63 28.18
C ALA D 56 -10.54 7.77 27.73
N SER D 57 -10.73 8.80 28.55
CA SER D 57 -11.47 9.99 28.12
C SER D 57 -10.57 11.02 27.45
N GLU D 58 -9.28 11.04 27.81
CA GLU D 58 -8.32 11.96 27.22
C GLU D 58 -7.63 11.41 25.99
N ASN D 59 -7.86 10.15 25.65
CA ASN D 59 -7.16 9.50 24.55
C ASN D 59 -7.71 10.00 23.21
N PRO D 60 -6.89 10.63 22.37
CA PRO D 60 -7.39 11.07 21.06
C PRO D 60 -7.67 9.92 20.11
N PHE D 61 -7.17 8.72 20.39
CA PHE D 61 -7.32 7.57 19.51
C PHE D 61 -8.35 6.56 20.00
N ARG D 62 -8.93 6.80 21.17
CA ARG D 62 -10.06 6.01 21.66
C ARG D 62 -9.75 4.53 21.78
N VAL E 1 -4.87 33.17 -10.62
CA VAL E 1 -6.23 32.81 -10.28
C VAL E 1 -7.19 33.85 -10.82
N GLN E 2 -8.23 33.41 -11.54
CA GLN E 2 -9.12 34.35 -12.20
C GLN E 2 -10.44 33.66 -12.50
N LEU E 3 -11.53 34.17 -11.94
CA LEU E 3 -12.88 33.72 -12.23
C LEU E 3 -13.64 34.86 -12.90
N VAL E 4 -14.27 34.58 -14.04
CA VAL E 4 -15.03 35.59 -14.77
C VAL E 4 -16.44 35.06 -14.99
N GLU E 5 -17.43 35.80 -14.51
CA GLU E 5 -18.83 35.42 -14.70
C GLU E 5 -19.43 36.15 -15.91
N SER E 6 -20.46 35.53 -16.48
CA SER E 6 -21.16 36.12 -17.60
C SER E 6 -22.57 35.56 -17.68
N GLY E 7 -23.45 36.30 -18.35
CA GLY E 7 -24.83 35.88 -18.56
C GLY E 7 -25.89 36.83 -18.02
N GLY E 8 -25.52 37.91 -17.33
CA GLY E 8 -26.51 38.78 -16.73
C GLY E 8 -27.20 39.66 -17.74
N GLY E 9 -28.19 40.40 -17.26
CA GLY E 9 -28.96 41.27 -18.13
C GLY E 9 -30.36 41.46 -17.59
N LEU E 10 -31.27 41.80 -18.50
CA LEU E 10 -32.65 42.11 -18.17
C LEU E 10 -33.55 40.97 -18.63
N VAL E 11 -34.43 40.51 -17.74
CA VAL E 11 -35.34 39.41 -18.01
C VAL E 11 -36.73 39.79 -17.53
N GLN E 12 -37.73 39.58 -18.37
CA GLN E 12 -39.12 39.85 -18.01
C GLN E 12 -39.65 38.75 -17.10
N PRO E 13 -40.74 39.01 -16.36
CA PRO E 13 -41.21 38.01 -15.39
C PRO E 13 -41.56 36.69 -16.06
N GLY E 14 -41.23 35.61 -15.38
CA GLY E 14 -41.30 34.28 -15.96
C GLY E 14 -39.97 33.91 -16.61
N GLY E 15 -40.01 33.59 -17.91
CA GLY E 15 -38.81 33.39 -18.70
C GLY E 15 -37.81 32.43 -18.14
N SER E 16 -36.56 32.52 -18.59
CA SER E 16 -35.47 31.69 -18.11
C SER E 16 -34.15 32.30 -18.58
N ARG E 17 -33.06 31.85 -17.96
CA ARG E 17 -31.74 32.35 -18.31
C ARG E 17 -30.69 31.39 -17.74
N LYS E 18 -29.46 31.56 -18.21
CA LYS E 18 -28.35 30.66 -17.86
C LYS E 18 -27.10 31.49 -17.64
N LEU E 19 -26.51 31.37 -16.46
CA LEU E 19 -25.29 32.07 -16.10
C LEU E 19 -24.11 31.10 -16.15
N SER E 20 -22.96 31.61 -16.59
CA SER E 20 -21.76 30.81 -16.72
C SER E 20 -20.60 31.51 -16.03
N CYS E 21 -19.60 30.71 -15.65
CA CYS E 21 -18.40 31.22 -14.99
C CYS E 21 -17.19 30.45 -15.50
N SER E 22 -16.21 31.19 -16.02
CA SER E 22 -15.00 30.62 -16.61
C SER E 22 -13.83 30.83 -15.66
N ALA E 23 -13.10 29.77 -15.39
CA ALA E 23 -11.98 29.79 -14.46
C ALA E 23 -10.66 29.62 -15.21
N SER E 24 -9.62 30.28 -14.70
CA SER E 24 -8.30 30.17 -15.30
C SER E 24 -7.25 30.50 -14.25
N GLY E 25 -6.21 29.67 -14.20
CA GLY E 25 -5.09 29.91 -13.31
C GLY E 25 -5.03 29.04 -12.07
N PHE E 26 -5.82 27.97 -12.00
CA PHE E 26 -5.77 27.05 -10.87
C PHE E 26 -6.39 25.73 -11.29
N ALA E 27 -6.19 24.71 -10.45
CA ALA E 27 -6.71 23.36 -10.70
C ALA E 27 -8.21 23.34 -10.39
N PHE E 28 -9.01 23.61 -11.42
CA PHE E 28 -10.45 23.80 -11.24
C PHE E 28 -11.17 22.54 -10.83
N SER E 29 -10.59 21.36 -11.04
CA SER E 29 -11.30 20.11 -10.76
C SER E 29 -11.03 19.57 -9.37
N SER E 30 -10.29 20.28 -8.54
CA SER E 30 -10.09 19.91 -7.14
C SER E 30 -10.91 20.77 -6.18
N PHE E 31 -11.68 21.72 -6.68
CA PHE E 31 -12.41 22.67 -5.86
C PHE E 31 -13.91 22.48 -6.00
N GLY E 32 -14.62 22.61 -4.87
CA GLY E 32 -16.06 22.77 -4.89
C GLY E 32 -16.45 24.22 -5.06
N MET E 33 -17.68 24.45 -5.54
CA MET E 33 -18.10 25.80 -5.91
C MET E 33 -19.46 26.14 -5.32
N HIS E 34 -19.64 27.43 -5.05
CA HIS E 34 -20.90 27.97 -4.57
C HIS E 34 -21.35 29.12 -5.45
N TRP E 35 -22.67 29.28 -5.57
CA TRP E 35 -23.28 30.48 -6.13
C TRP E 35 -23.93 31.25 -4.99
N VAL E 36 -23.61 32.54 -4.88
CA VAL E 36 -24.08 33.42 -3.82
C VAL E 36 -24.72 34.64 -4.47
N ARG E 37 -25.62 35.30 -3.75
CA ARG E 37 -26.43 36.38 -4.30
C ARG E 37 -26.44 37.57 -3.34
N GLN E 38 -26.49 38.78 -3.90
CA GLN E 38 -26.61 40.01 -3.13
C GLN E 38 -27.68 40.89 -3.74
N ALA E 39 -28.63 41.33 -2.93
CA ALA E 39 -29.70 42.19 -3.38
C ALA E 39 -29.16 43.60 -3.65
N PRO E 40 -29.90 44.41 -4.42
CA PRO E 40 -29.39 45.75 -4.76
C PRO E 40 -29.00 46.60 -3.57
N GLU E 41 -29.73 46.52 -2.45
CA GLU E 41 -29.39 47.31 -1.27
C GLU E 41 -29.56 46.52 0.02
N LYS E 42 -29.36 45.21 -0.04
CA LYS E 42 -29.47 44.37 1.16
C LYS E 42 -28.21 43.52 1.32
N GLY E 43 -28.25 42.56 2.24
CA GLY E 43 -27.12 41.72 2.54
C GLY E 43 -26.98 40.56 1.57
N LEU E 44 -26.03 39.68 1.90
CA LEU E 44 -25.69 38.53 1.07
C LEU E 44 -26.63 37.37 1.35
N GLU E 45 -26.94 36.59 0.32
CA GLU E 45 -27.81 35.42 0.46
C GLU E 45 -27.27 34.28 -0.39
N TRP E 46 -27.06 33.12 0.25
CA TRP E 46 -26.52 31.95 -0.42
C TRP E 46 -27.55 31.33 -1.36
N VAL E 47 -27.06 30.70 -2.44
CA VAL E 47 -27.95 30.20 -3.47
C VAL E 47 -27.76 28.70 -3.71
N ALA E 48 -26.55 28.25 -4.04
CA ALA E 48 -26.43 26.85 -4.42
C ALA E 48 -25.00 26.36 -4.22
N TYR E 49 -24.85 25.03 -4.16
CA TYR E 49 -23.58 24.38 -3.91
C TYR E 49 -23.40 23.13 -4.76
N ILE E 50 -22.20 22.98 -5.34
CA ILE E 50 -21.78 21.74 -5.99
C ILE E 50 -20.38 21.39 -5.50
N SER E 51 -20.07 20.09 -5.45
CA SER E 51 -18.83 19.62 -4.87
C SER E 51 -17.90 19.06 -5.94
N SER E 52 -16.70 18.68 -5.49
CA SER E 52 -15.68 18.16 -6.38
C SER E 52 -15.95 16.68 -6.67
N GLY E 53 -16.17 16.36 -7.94
CA GLY E 53 -16.59 15.03 -8.33
C GLY E 53 -18.06 14.92 -8.67
N SER E 54 -18.85 15.97 -8.43
CA SER E 54 -20.27 16.06 -8.78
C SER E 54 -21.12 15.08 -7.99
N GLY E 55 -20.63 14.59 -6.85
CA GLY E 55 -21.39 13.62 -6.08
C GLY E 55 -22.22 14.21 -4.97
N THR E 56 -22.46 15.52 -5.02
CA THR E 56 -23.27 16.20 -4.01
C THR E 56 -23.73 17.53 -4.59
N ILE E 57 -25.00 17.87 -4.36
CA ILE E 57 -25.58 19.12 -4.83
C ILE E 57 -26.56 19.62 -3.78
N TYR E 58 -26.54 20.91 -3.50
CA TYR E 58 -27.44 21.52 -2.52
C TYR E 58 -28.05 22.80 -3.08
N TYR E 59 -29.31 23.04 -2.74
CA TYR E 59 -30.03 24.26 -3.08
C TYR E 59 -30.55 24.92 -1.81
N ALA E 60 -31.07 26.13 -1.99
CA ALA E 60 -31.69 26.88 -0.91
C ALA E 60 -33.20 26.67 -0.92
N ASP E 61 -33.83 27.00 0.22
CA ASP E 61 -35.24 26.69 0.39
C ASP E 61 -36.13 27.48 -0.56
N THR E 62 -35.75 28.72 -0.88
CA THR E 62 -36.57 29.56 -1.76
C THR E 62 -36.21 29.41 -3.22
N VAL E 63 -35.27 28.53 -3.56
CA VAL E 63 -34.88 28.31 -4.95
C VAL E 63 -35.00 26.87 -5.39
N LYS E 64 -35.04 25.91 -4.47
CA LYS E 64 -34.99 24.51 -4.82
C LYS E 64 -36.19 24.14 -5.69
N GLY E 65 -35.91 23.42 -6.78
CA GLY E 65 -36.92 23.07 -7.76
C GLY E 65 -36.96 23.98 -8.96
N ARG E 66 -36.40 25.19 -8.85
CA ARG E 66 -36.37 26.15 -9.95
C ARG E 66 -34.98 26.33 -10.56
N PHE E 67 -33.93 26.18 -9.76
CA PHE E 67 -32.56 26.37 -10.22
C PHE E 67 -31.88 25.03 -10.43
N THR E 68 -30.84 25.04 -11.28
CA THR E 68 -30.03 23.85 -11.52
C THR E 68 -28.58 24.25 -11.67
N ILE E 69 -27.69 23.50 -11.03
CA ILE E 69 -26.26 23.79 -11.03
C ILE E 69 -25.51 22.65 -11.68
N SER E 70 -24.48 22.98 -12.46
CA SER E 70 -23.68 21.96 -13.12
C SER E 70 -22.29 22.49 -13.40
N ARG E 71 -21.36 21.56 -13.68
CA ARG E 71 -19.99 21.94 -13.99
C ARG E 71 -19.47 21.13 -15.17
N ASP E 72 -18.54 21.71 -15.90
CA ASP E 72 -17.86 21.07 -17.02
C ASP E 72 -16.37 21.10 -16.73
N ASP E 73 -15.80 19.93 -16.41
CA ASP E 73 -14.42 19.82 -15.95
C ASP E 73 -13.39 19.92 -17.07
N PRO E 74 -13.54 19.21 -18.20
CA PRO E 74 -12.52 19.33 -19.25
C PRO E 74 -12.35 20.74 -19.77
N LYS E 75 -13.41 21.54 -19.79
CA LYS E 75 -13.34 22.90 -20.30
C LYS E 75 -13.26 23.95 -19.20
N ASN E 76 -13.37 23.54 -17.93
CA ASN E 76 -13.27 24.44 -16.77
C ASN E 76 -14.33 25.54 -16.82
N THR E 77 -15.58 25.10 -16.70
CA THR E 77 -16.71 26.04 -16.71
C THR E 77 -17.74 25.63 -15.67
N LEU E 78 -18.46 26.61 -15.14
CA LEU E 78 -19.54 26.38 -14.19
C LEU E 78 -20.83 27.01 -14.71
N PHE E 79 -21.95 26.31 -14.53
CA PHE E 79 -23.23 26.73 -15.09
C PHE E 79 -24.31 26.75 -14.01
N LEU E 80 -25.16 27.78 -14.08
CA LEU E 80 -26.43 27.82 -13.36
C LEU E 80 -27.55 28.09 -14.34
N GLN E 81 -28.65 27.36 -14.20
CA GLN E 81 -29.82 27.48 -15.06
C GLN E 81 -31.02 27.84 -14.22
N MET E 82 -31.67 28.96 -14.55
CA MET E 82 -32.79 29.47 -13.79
C MET E 82 -34.01 29.57 -14.70
N THR E 83 -35.15 29.12 -14.19
CA THR E 83 -36.41 29.15 -14.93
C THR E 83 -37.51 29.64 -14.02
N SER E 84 -38.55 30.23 -14.63
CA SER E 84 -39.68 30.80 -13.90
C SER E 84 -39.21 31.87 -12.92
N LEU E 85 -38.64 32.94 -13.48
CA LEU E 85 -38.05 33.99 -12.67
C LEU E 85 -39.11 34.98 -12.19
N ARG E 86 -39.14 35.23 -10.89
CA ARG E 86 -40.06 36.16 -10.27
C ARG E 86 -39.36 37.49 -10.01
N SER E 87 -40.08 38.42 -9.37
CA SER E 87 -39.52 39.74 -9.11
C SER E 87 -38.51 39.73 -7.98
N GLU E 88 -38.47 38.67 -7.17
CA GLU E 88 -37.47 38.54 -6.11
C GLU E 88 -36.15 37.99 -6.62
N ASP E 89 -35.96 37.94 -7.94
CA ASP E 89 -34.75 37.43 -8.56
C ASP E 89 -34.02 38.53 -9.31
N THR E 90 -33.96 39.73 -8.71
CA THR E 90 -33.23 40.87 -9.25
C THR E 90 -32.10 41.16 -8.27
N ALA E 91 -30.88 40.80 -8.66
CA ALA E 91 -29.75 40.85 -7.74
C ALA E 91 -28.46 40.63 -8.52
N MET E 92 -27.36 40.60 -7.80
CA MET E 92 -26.03 40.39 -8.36
C MET E 92 -25.48 39.06 -7.82
N TYR E 93 -25.01 38.21 -8.72
CA TYR E 93 -24.59 36.87 -8.37
C TYR E 93 -23.08 36.73 -8.46
N TYR E 94 -22.51 35.99 -7.51
CA TYR E 94 -21.08 35.76 -7.42
C TYR E 94 -20.81 34.26 -7.39
N CYS E 95 -19.68 33.88 -7.95
CA CYS E 95 -19.20 32.50 -7.94
C CYS E 95 -18.03 32.40 -6.96
N VAL E 96 -18.06 31.41 -6.08
CA VAL E 96 -17.10 31.32 -4.99
C VAL E 96 -16.45 29.95 -5.01
N ARG E 97 -15.14 29.94 -4.78
CA ARG E 97 -14.27 28.77 -4.77
C ARG E 97 -14.08 28.28 -3.34
N SER E 98 -14.01 26.96 -3.15
CA SER E 98 -13.93 26.42 -1.80
C SER E 98 -13.34 25.02 -1.84
N ILE E 99 -12.43 24.73 -0.90
CA ILE E 99 -11.77 23.42 -0.83
C ILE E 99 -11.79 22.92 0.61
N TYR E 100 -12.07 21.63 0.79
CA TYR E 100 -12.23 21.05 2.12
C TYR E 100 -11.29 19.87 2.30
N TYR E 101 -10.26 20.08 3.11
CA TYR E 101 -9.47 19.01 3.71
C TYR E 101 -8.97 19.53 5.05
N TYR E 102 -8.27 18.69 5.80
CA TYR E 102 -7.89 19.07 7.15
C TYR E 102 -6.93 20.24 7.11
N GLY E 103 -7.40 21.42 7.53
CA GLY E 103 -6.57 22.59 7.63
C GLY E 103 -6.68 23.58 6.49
N SER E 104 -7.63 23.38 5.57
CA SER E 104 -7.75 24.26 4.43
C SER E 104 -8.50 25.54 4.79
N SER E 105 -8.47 26.49 3.87
CA SER E 105 -9.19 27.75 4.00
C SER E 105 -10.25 27.83 2.91
N PRO E 106 -11.51 27.56 3.23
CA PRO E 106 -12.57 27.71 2.23
C PRO E 106 -12.99 29.16 2.07
N PHE E 107 -13.73 29.42 0.98
CA PHE E 107 -14.30 30.74 0.70
C PHE E 107 -13.20 31.80 0.55
N ASP E 108 -12.12 31.43 -0.13
CA ASP E 108 -10.92 32.29 -0.16
C ASP E 108 -10.88 33.23 -1.36
N PHE E 109 -11.40 32.83 -2.52
CA PHE E 109 -11.37 33.68 -3.71
C PHE E 109 -12.77 33.85 -4.25
N TRP E 110 -13.20 35.10 -4.39
CA TRP E 110 -14.51 35.45 -4.93
C TRP E 110 -14.35 36.01 -6.34
N GLY E 111 -15.38 35.83 -7.15
CA GLY E 111 -15.39 36.34 -8.51
C GLY E 111 -15.64 37.83 -8.56
N GLN E 112 -16.20 38.28 -9.67
CA GLN E 112 -16.58 39.68 -9.85
C GLN E 112 -18.09 39.89 -9.97
N GLY E 113 -18.87 38.82 -10.07
CA GLY E 113 -20.33 38.93 -10.09
C GLY E 113 -20.91 39.46 -11.37
N THR E 114 -22.17 39.09 -11.64
CA THR E 114 -22.92 39.62 -12.76
C THR E 114 -24.34 39.97 -12.30
N THR E 115 -24.93 40.96 -12.95
CA THR E 115 -26.21 41.50 -12.52
C THR E 115 -27.37 40.90 -13.32
N LEU E 116 -28.50 40.73 -12.63
CA LEU E 116 -29.74 40.26 -13.24
C LEU E 116 -30.87 41.15 -12.76
N THR E 117 -31.64 41.70 -13.70
CA THR E 117 -32.72 42.63 -13.41
C THR E 117 -34.01 42.08 -13.97
N VAL E 118 -34.97 41.81 -13.10
CA VAL E 118 -36.28 41.28 -13.48
C VAL E 118 -37.30 42.40 -13.35
N SER E 119 -38.00 42.70 -14.44
CA SER E 119 -38.99 43.77 -14.46
C SER E 119 -40.18 43.43 -13.57
N SER E 135 -38.71 25.63 9.90
CA SER E 135 -37.58 26.59 9.75
C SER E 135 -36.51 26.31 10.82
N ALA E 136 -35.61 25.36 10.55
CA ALA E 136 -34.54 25.00 11.50
C ALA E 136 -33.25 25.74 11.14
N ASP E 137 -33.34 26.69 10.20
CA ASP E 137 -32.16 27.48 9.77
C ASP E 137 -31.70 28.37 10.92
N ILE E 138 -30.38 28.60 11.03
CA ILE E 138 -29.81 29.45 12.12
C ILE E 138 -29.97 30.91 11.73
N VAL E 139 -30.31 31.77 12.71
CA VAL E 139 -30.50 33.19 12.47
C VAL E 139 -29.29 33.93 13.02
N MET E 140 -28.72 34.82 12.20
CA MET E 140 -27.55 35.61 12.58
C MET E 140 -27.95 37.08 12.66
N THR E 141 -27.53 37.75 13.72
CA THR E 141 -28.01 39.09 14.04
C THR E 141 -26.83 40.05 14.18
N GLN E 142 -26.75 41.02 13.28
CA GLN E 142 -25.76 42.09 13.38
C GLN E 142 -26.35 43.21 14.23
N ALA E 143 -25.88 43.32 15.47
CA ALA E 143 -26.49 44.23 16.44
C ALA E 143 -26.28 45.70 16.13
N THR E 144 -25.40 46.03 15.18
CA THR E 144 -25.09 47.41 14.86
C THR E 144 -25.30 47.63 13.37
N SER E 145 -25.51 48.89 12.98
CA SER E 145 -25.71 49.25 11.58
C SER E 145 -24.78 50.34 11.08
N SER E 146 -24.17 51.14 11.94
CA SER E 146 -23.20 52.14 11.53
C SER E 146 -22.38 52.55 12.74
N VAL E 147 -21.12 52.91 12.49
CA VAL E 147 -20.21 53.32 13.55
C VAL E 147 -19.35 54.49 13.07
N PRO E 148 -19.36 55.63 13.78
CA PRO E 148 -18.44 56.72 13.43
C PRO E 148 -17.10 56.58 14.11
N VAL E 149 -16.00 56.65 13.35
CA VAL E 149 -14.65 56.51 13.87
C VAL E 149 -13.74 57.51 13.15
N THR E 150 -12.50 57.59 13.62
CA THR E 150 -11.45 58.42 13.06
C THR E 150 -10.19 57.58 12.88
N PRO E 151 -9.32 57.93 11.93
CA PRO E 151 -8.13 57.13 11.68
C PRO E 151 -7.20 57.09 12.89
N GLY E 152 -6.53 55.96 13.06
CA GLY E 152 -5.62 55.76 14.17
C GLY E 152 -6.25 55.23 15.43
N GLU E 153 -7.57 55.04 15.45
CA GLU E 153 -8.26 54.56 16.63
C GLU E 153 -8.37 53.03 16.58
N SER E 154 -9.16 52.46 17.48
CA SER E 154 -9.44 51.03 17.52
C SER E 154 -10.94 50.81 17.49
N VAL E 155 -11.37 49.75 16.81
CA VAL E 155 -12.78 49.49 16.57
C VAL E 155 -13.09 48.05 16.96
N SER E 156 -14.31 47.83 17.44
CA SER E 156 -14.78 46.49 17.77
C SER E 156 -16.22 46.33 17.29
N ILE E 157 -16.48 45.25 16.55
CA ILE E 157 -17.81 44.92 16.07
C ILE E 157 -18.15 43.53 16.59
N SER E 158 -19.46 43.28 16.76
CA SER E 158 -19.89 42.00 17.30
C SER E 158 -21.17 41.55 16.61
N CYS E 159 -21.33 40.24 16.52
CA CYS E 159 -22.58 39.66 16.02
C CYS E 159 -22.94 38.44 16.85
N ARG E 160 -24.15 37.94 16.62
CA ARG E 160 -24.80 36.98 17.50
C ARG E 160 -25.53 35.93 16.65
N SER E 161 -25.70 34.75 17.24
CA SER E 161 -26.41 33.64 16.62
C SER E 161 -27.58 33.22 17.53
N SER E 162 -28.24 32.13 17.14
CA SER E 162 -29.30 31.53 17.95
C SER E 162 -28.90 30.19 18.53
N LYS E 163 -28.42 29.27 17.71
CA LYS E 163 -27.90 28.00 18.18
C LYS E 163 -26.47 28.20 18.68
N SER E 164 -25.76 27.12 18.95
CA SER E 164 -24.35 27.16 19.30
C SER E 164 -23.53 26.67 18.13
N LEU E 165 -22.57 27.47 17.69
CA LEU E 165 -21.77 27.14 16.52
C LEU E 165 -20.62 26.17 16.84
N LEU E 166 -20.29 26.00 18.11
CA LEU E 166 -19.18 25.14 18.51
C LEU E 166 -19.59 23.68 18.39
N HIS E 167 -18.85 22.91 17.61
CA HIS E 167 -19.13 21.50 17.40
C HIS E 167 -18.43 20.67 18.49
N SER E 168 -18.69 19.36 18.49
CA SER E 168 -18.13 18.47 19.49
C SER E 168 -16.67 18.11 19.23
N ASN E 169 -16.15 18.35 18.03
CA ASN E 169 -14.76 18.05 17.75
C ASN E 169 -13.81 19.20 18.08
N GLY E 170 -14.34 20.36 18.45
CA GLY E 170 -13.53 21.48 18.88
C GLY E 170 -13.53 22.68 17.95
N ASN E 171 -14.18 22.59 16.80
CA ASN E 171 -14.19 23.70 15.86
C ASN E 171 -15.31 24.67 16.18
N THR E 172 -15.21 25.87 15.60
CA THR E 172 -16.25 26.89 15.71
C THR E 172 -16.35 27.57 14.35
N TYR E 173 -17.44 27.33 13.62
CA TYR E 173 -17.53 27.68 12.21
C TYR E 173 -18.17 29.06 12.05
N LEU E 174 -17.35 30.09 12.19
CA LEU E 174 -17.77 31.47 11.96
C LEU E 174 -16.79 32.16 11.01
N TYR E 175 -17.32 32.90 10.05
CA TYR E 175 -16.54 33.56 9.02
C TYR E 175 -16.81 35.05 9.00
N TRP E 176 -15.77 35.83 8.70
CA TRP E 176 -15.84 37.29 8.60
C TRP E 176 -15.34 37.73 7.24
N PHE E 177 -16.16 38.51 6.52
CA PHE E 177 -15.85 39.06 5.21
C PHE E 177 -15.95 40.58 5.20
N LEU E 178 -15.21 41.20 4.29
CA LEU E 178 -15.22 42.63 3.99
C LEU E 178 -15.63 42.90 2.55
N GLN E 179 -16.51 43.89 2.37
CA GLN E 179 -16.83 44.39 1.04
C GLN E 179 -16.63 45.90 1.01
N ARG E 180 -15.77 46.36 0.11
CA ARG E 180 -15.43 47.76 -0.11
C ARG E 180 -16.30 48.35 -1.20
N PRO E 181 -16.42 49.67 -1.26
CA PRO E 181 -17.28 50.29 -2.28
C PRO E 181 -16.80 50.00 -3.70
N GLY E 182 -17.72 49.51 -4.52
CA GLY E 182 -17.42 49.20 -5.91
C GLY E 182 -16.65 47.93 -6.14
N GLN E 183 -16.56 47.05 -5.13
CA GLN E 183 -15.76 45.84 -5.24
C GLN E 183 -16.56 44.61 -4.88
N SER E 184 -15.88 43.48 -4.72
CA SER E 184 -16.47 42.21 -4.33
C SER E 184 -15.90 41.78 -2.97
N PRO E 185 -16.60 40.93 -2.24
CA PRO E 185 -16.14 40.56 -0.89
C PRO E 185 -14.77 39.89 -0.90
N GLN E 186 -14.14 39.90 0.26
CA GLN E 186 -12.74 39.48 0.39
C GLN E 186 -12.56 38.88 1.77
N LEU E 187 -12.27 37.58 1.83
CA LEU E 187 -12.25 36.86 3.09
C LEU E 187 -11.27 37.50 4.06
N LEU E 188 -11.70 37.64 5.31
CA LEU E 188 -10.86 38.15 6.40
C LEU E 188 -10.55 37.08 7.43
N ILE E 189 -11.55 36.41 7.98
CA ILE E 189 -11.31 35.43 9.03
C ILE E 189 -12.16 34.20 8.79
N TYR E 190 -11.58 33.01 8.99
CA TYR E 190 -12.30 31.74 8.91
C TYR E 190 -12.17 31.00 10.24
N ARG E 191 -13.26 30.36 10.65
CA ARG E 191 -13.34 29.60 11.91
C ARG E 191 -12.96 30.46 13.11
N MET E 192 -13.40 31.73 13.08
CA MET E 192 -13.50 32.63 14.22
C MET E 192 -12.16 33.16 14.74
N SER E 193 -11.05 32.53 14.38
CA SER E 193 -9.78 33.01 14.93
C SER E 193 -8.61 32.92 13.96
N ASN E 194 -8.81 32.49 12.72
CA ASN E 194 -7.71 32.21 11.80
C ASN E 194 -7.67 33.29 10.73
N LEU E 195 -6.50 33.89 10.56
CA LEU E 195 -6.34 35.01 9.63
C LEU E 195 -5.98 34.49 8.24
N ALA E 196 -6.63 35.04 7.23
CA ALA E 196 -6.40 34.59 5.86
C ALA E 196 -5.03 35.02 5.38
N SER E 197 -4.64 34.48 4.23
CA SER E 197 -3.31 34.73 3.67
C SER E 197 -3.34 35.98 2.81
N GLY E 198 -2.51 36.96 3.16
CA GLY E 198 -2.52 38.24 2.50
C GLY E 198 -3.29 39.32 3.22
N VAL E 199 -3.37 39.28 4.55
CA VAL E 199 -4.16 40.21 5.32
C VAL E 199 -3.30 40.79 6.43
N PRO E 200 -3.34 42.10 6.67
CA PRO E 200 -2.49 42.69 7.72
C PRO E 200 -2.83 42.15 9.09
N ASP E 201 -1.83 42.16 9.97
CA ASP E 201 -1.97 41.60 11.31
C ASP E 201 -2.69 42.52 12.29
N ARG E 202 -3.34 43.57 11.82
CA ARG E 202 -4.10 44.46 12.70
C ARG E 202 -5.56 44.05 12.83
N PHE E 203 -5.96 42.93 12.22
CA PHE E 203 -7.30 42.38 12.37
C PHE E 203 -7.25 41.19 13.33
N SER E 204 -8.33 41.01 14.09
CA SER E 204 -8.39 39.87 14.99
C SER E 204 -9.84 39.46 15.20
N GLY E 205 -10.03 38.21 15.57
CA GLY E 205 -11.36 37.70 15.87
C GLY E 205 -11.34 36.86 17.12
N SER E 206 -12.44 36.94 17.88
CA SER E 206 -12.55 36.20 19.14
C SER E 206 -14.01 36.09 19.50
N GLY E 207 -14.28 35.47 20.64
CA GLY E 207 -15.61 35.37 21.16
C GLY E 207 -15.84 34.04 21.82
N SER E 208 -17.11 33.73 22.05
CA SER E 208 -17.52 32.48 22.67
C SER E 208 -18.94 32.21 22.23
N GLY E 209 -19.41 30.99 22.47
CA GLY E 209 -20.70 30.52 21.96
C GLY E 209 -21.81 31.56 21.96
N THR E 210 -22.36 31.82 20.77
CA THR E 210 -23.47 32.71 20.43
C THR E 210 -23.09 34.20 20.40
N ALA E 211 -21.87 34.58 20.77
CA ALA E 211 -21.47 35.99 20.77
C ALA E 211 -20.04 36.12 20.30
N PHE E 212 -19.83 36.85 19.20
CA PHE E 212 -18.51 36.90 18.57
C PHE E 212 -18.14 38.34 18.24
N THR E 213 -16.84 38.63 18.32
CA THR E 213 -16.31 39.98 18.18
C THR E 213 -15.12 40.02 17.23
N LEU E 214 -15.20 40.90 16.24
CA LEU E 214 -14.07 41.27 15.39
C LEU E 214 -13.46 42.56 15.91
N THR E 215 -12.13 42.66 15.86
CA THR E 215 -11.41 43.79 16.42
C THR E 215 -10.39 44.32 15.41
N ILE E 216 -10.35 45.64 15.26
CA ILE E 216 -9.42 46.31 14.37
C ILE E 216 -8.61 47.32 15.18
N SER E 217 -7.31 47.41 14.90
CA SER E 217 -6.41 48.32 15.60
C SER E 217 -5.72 49.22 14.59
N ARG E 218 -5.70 50.53 14.89
CA ARG E 218 -4.95 51.51 14.12
C ARG E 218 -5.40 51.53 12.65
N LEU E 219 -6.64 52.00 12.47
CA LEU E 219 -7.25 52.08 11.14
C LEU E 219 -6.38 52.84 10.16
N GLU E 220 -6.54 52.52 8.88
CA GLU E 220 -6.00 53.30 7.77
C GLU E 220 -7.14 53.68 6.83
N ALA E 221 -6.78 54.30 5.70
CA ALA E 221 -7.72 54.47 4.62
C ALA E 221 -7.85 53.18 3.83
N GLU E 222 -8.81 53.15 2.91
CA GLU E 222 -9.17 51.96 2.14
C GLU E 222 -9.54 50.79 3.03
N ASP E 223 -9.81 51.04 4.31
CA ASP E 223 -10.14 49.99 5.28
C ASP E 223 -11.58 50.12 5.76
N VAL E 224 -12.42 50.81 4.99
CA VAL E 224 -13.79 51.11 5.37
C VAL E 224 -14.73 50.44 4.36
N GLY E 225 -15.81 49.86 4.86
CA GLY E 225 -16.77 49.18 4.02
C GLY E 225 -17.88 48.54 4.83
N VAL E 226 -18.35 47.38 4.40
CA VAL E 226 -19.39 46.65 5.12
C VAL E 226 -18.83 45.29 5.51
N TYR E 227 -19.02 44.92 6.78
CA TYR E 227 -18.52 43.66 7.32
C TYR E 227 -19.68 42.68 7.45
N TYR E 228 -19.43 41.43 7.09
CA TYR E 228 -20.45 40.39 7.21
C TYR E 228 -19.90 39.21 8.01
N CYS E 229 -20.77 38.60 8.82
CA CYS E 229 -20.44 37.40 9.58
C CYS E 229 -21.37 36.28 9.15
N MET E 230 -20.79 35.12 8.86
CA MET E 230 -21.48 33.98 8.28
C MET E 230 -21.21 32.73 9.11
N GLN E 231 -22.11 31.76 9.02
CA GLN E 231 -21.95 30.48 9.69
C GLN E 231 -21.87 29.36 8.66
N HIS E 232 -21.13 28.31 9.01
CA HIS E 232 -20.97 27.15 8.15
C HIS E 232 -21.16 25.86 8.94
N LEU E 233 -22.03 25.89 9.96
CA LEU E 233 -22.23 24.71 10.80
C LEU E 233 -23.09 23.65 10.10
N GLU E 234 -24.08 24.08 9.32
CA GLU E 234 -24.94 23.14 8.59
C GLU E 234 -25.61 23.91 7.47
N TYR E 235 -26.09 23.16 6.48
CA TYR E 235 -26.79 23.80 5.37
C TYR E 235 -28.26 24.02 5.74
N PRO E 236 -28.86 25.13 5.29
CA PRO E 236 -28.29 26.20 4.46
C PRO E 236 -27.36 27.12 5.23
N LEU E 237 -26.62 27.95 4.52
CA LEU E 237 -25.73 28.94 5.12
C LEU E 237 -26.46 30.27 5.21
N THR E 238 -26.30 30.96 6.34
CA THR E 238 -27.04 32.18 6.63
C THR E 238 -26.08 33.32 6.94
N PHE E 239 -26.36 34.48 6.36
CA PHE E 239 -25.53 35.67 6.55
C PHE E 239 -26.17 36.61 7.57
N GLY E 240 -25.37 37.56 8.02
CA GLY E 240 -25.87 38.67 8.81
C GLY E 240 -26.43 39.77 7.93
N ALA E 241 -26.70 40.92 8.54
CA ALA E 241 -27.20 42.08 7.83
C ALA E 241 -26.13 43.11 7.50
N GLY E 242 -25.01 43.08 8.21
CA GLY E 242 -23.88 43.94 7.88
C GLY E 242 -23.79 45.21 8.69
N THR E 243 -22.56 45.63 9.00
CA THR E 243 -22.29 46.87 9.70
C THR E 243 -21.47 47.78 8.79
N LYS E 244 -21.95 49.01 8.59
CA LYS E 244 -21.32 49.95 7.68
C LYS E 244 -20.48 50.92 8.50
N LEU E 245 -19.19 50.59 8.66
CA LEU E 245 -18.28 51.46 9.37
C LEU E 245 -18.01 52.71 8.54
N GLU E 246 -18.09 53.88 9.18
CA GLU E 246 -18.02 55.15 8.49
C GLU E 246 -16.85 55.99 9.02
N LEU E 247 -16.38 56.90 8.16
CA LEU E 247 -15.33 57.84 8.53
C LEU E 247 -15.44 59.10 7.68
O1 LTB F . -35.29 -42.08 2.31
C1 LTB F . -34.88 -40.86 2.46
O2 LTB F . -35.56 -39.93 2.88
C2 LTB F . -33.39 -40.69 2.09
C3 LTB F . -32.76 -39.46 2.69
C4 LTB F . -32.63 -38.37 1.64
C5 LTB F . -33.74 -37.35 1.79
O3 LTB F . -35.01 -37.92 1.83
C6 LTB F . -33.67 -36.33 0.69
C7 LTB F . -32.70 -35.42 0.65
C8 LTB F . -32.65 -34.43 -0.42
C9 LTB F . -33.59 -34.35 -1.36
C10 LTB F . -33.53 -33.36 -2.41
C11 LTB F . -34.43 -33.38 -3.39
C12 LTB F . -34.41 -32.38 -4.50
C20 LTB F . -27.06 -30.13 -8.71
O12 LTB F . -35.54 -32.51 -5.32
C19 LTB F . -28.04 -31.24 -8.98
C18 LTB F . -29.41 -30.85 -8.47
C17 LTB F . -30.35 -32.04 -8.54
C16 LTB F . -30.94 -32.28 -7.17
C15 LTB F . -31.74 -31.09 -6.76
C14 LTB F . -32.76 -31.20 -5.91
C13 LTB F . -33.13 -32.52 -5.32
CAA Y01 G . -31.68 -19.49 3.30
CBA Y01 G . -30.84 -20.75 3.13
CAB Y01 G . -30.04 -21.02 4.39
CAN Y01 G . -29.86 -20.53 1.98
CAJ Y01 G . -28.91 -19.41 2.30
CAO Y01 G . -28.54 -18.66 1.03
CBB Y01 G . -27.15 -18.08 1.20
CAC Y01 G . -26.21 -19.15 1.73
CBE Y01 G . -26.63 -17.52 -0.14
CAP Y01 G . -27.77 -16.96 -1.04
CAQ Y01 G . -27.29 -15.62 -1.58
CBG Y01 G . -25.78 -15.68 -1.36
CBI Y01 G . -25.69 -16.32 0.03
CAE Y01 G . -26.25 -15.38 1.11
CAU Y01 G . -24.23 -16.68 0.30
CAS Y01 G . -23.40 -15.41 0.22
CBF Y01 G . -23.53 -14.74 -1.13
CBD Y01 G . -24.99 -14.40 -1.42
CAK Y01 G . -25.13 -13.77 -2.81
CAI Y01 G . -24.11 -12.71 -3.03
CAZ Y01 G . -22.95 -12.67 -2.41
CAV Y01 G . -22.04 -11.52 -2.68
CBH Y01 G . -22.68 -13.45 -1.15
CAD Y01 G . -23.03 -12.57 0.05
CAT Y01 G . -21.20 -13.83 -1.10
CAR Y01 G . -20.35 -12.58 -1.19
CBC Y01 G . -20.58 -11.97 -2.57
OAW Y01 G . -19.76 -10.81 -2.70
CAY Y01 G . -18.45 -10.94 -2.31
OAG Y01 G . -17.80 -11.84 -2.81
CAM Y01 G . -17.96 -9.94 -1.31
CAL Y01 G . -16.45 -9.80 -1.45
CAX Y01 G . -15.73 -9.80 -0.09
OAH Y01 G . -14.58 -9.33 -0.06
OAF Y01 G . -16.36 -10.28 0.89
CAA Y01 H . -19.99 -45.37 -5.80
CBA Y01 H . -20.39 -46.32 -6.93
CAB Y01 H . -19.82 -45.81 -8.23
CAN Y01 H . -21.91 -46.33 -7.04
CAJ Y01 H . -22.45 -47.74 -7.12
CAO Y01 H . -23.74 -47.88 -6.30
CBB Y01 H . -23.37 -48.43 -4.92
CAC Y01 H . -23.27 -47.31 -3.87
CBE Y01 H . -24.22 -49.67 -4.40
CAP Y01 H . -24.08 -49.89 -2.87
CAQ Y01 H . -25.45 -50.33 -2.35
CBG Y01 H . -26.18 -50.78 -3.62
CBI Y01 H . -25.79 -49.69 -4.64
CAE Y01 H . -26.48 -48.36 -4.25
CAU Y01 H . -26.25 -50.18 -6.01
CAS Y01 H . -27.77 -50.35 -5.98
CBF Y01 H . -28.23 -51.34 -4.90
CBD Y01 H . -27.70 -50.90 -3.53
CAK Y01 H . -28.07 -51.95 -2.48
CAI Y01 H . -29.52 -52.22 -2.52
CAZ Y01 H . -30.25 -52.14 -3.62
CAV Y01 H . -31.67 -52.59 -3.60
CBH Y01 H . -29.77 -51.45 -4.88
CAD Y01 H . -30.41 -50.07 -4.91
CAT Y01 H . -30.22 -52.24 -6.12
CAR Y01 H . -31.71 -52.59 -6.06
CBC Y01 H . -31.91 -53.46 -4.82
OAW Y01 H . -33.23 -53.94 -4.81
CAY Y01 H . -33.36 -55.29 -4.59
OAG Y01 H . -34.18 -55.65 -3.75
CAM Y01 H . -32.46 -56.18 -5.40
CAL Y01 H . -32.85 -57.64 -5.13
CAX Y01 H . -31.95 -58.63 -5.88
OAH Y01 H . -30.76 -58.70 -5.52
OAF Y01 H . -32.47 -59.31 -6.82
CAA Y01 I . -19.79 -45.53 -13.99
CBA Y01 I . -19.62 -45.83 -12.50
CAB Y01 I . -19.64 -47.34 -12.27
CAN Y01 I . -20.79 -45.21 -11.73
CAJ Y01 I . -22.11 -45.57 -12.35
CAO Y01 I . -23.00 -46.31 -11.34
CBB Y01 I . -24.03 -47.13 -12.11
CAC Y01 I . -23.32 -47.87 -13.25
CBE Y01 I . -24.77 -48.10 -11.18
CAP Y01 I . -25.08 -47.51 -9.79
CAQ Y01 I . -26.57 -47.73 -9.51
CBG Y01 I . -26.93 -48.88 -10.44
CBI Y01 I . -26.17 -48.48 -11.73
CAE Y01 I . -26.82 -47.24 -12.38
CAU Y01 I . -26.19 -49.69 -12.66
CAS Y01 I . -27.62 -49.99 -13.02
CBF Y01 I . -28.47 -50.30 -11.77
CBD Y01 I . -28.40 -49.15 -10.76
CAK Y01 I . -29.16 -49.53 -9.50
CAI Y01 I . -30.54 -50.01 -9.84
CAZ Y01 I . -30.85 -50.52 -11.01
CAV Y01 I . -32.28 -50.92 -11.30
CBH Y01 I . -29.93 -50.57 -12.19
CAD Y01 I . -30.39 -49.53 -13.22
CAT Y01 I . -29.98 -51.97 -12.78
CAR Y01 I . -31.40 -52.29 -13.23
CBC Y01 I . -32.32 -52.30 -12.00
OAW Y01 I . -33.69 -52.57 -12.38
CAY Y01 I . -33.97 -52.76 -13.74
OAG Y01 I . -33.84 -53.88 -14.19
CAM Y01 I . -34.45 -51.55 -14.50
CAL Y01 I . -33.80 -51.58 -15.89
CAX Y01 I . -32.83 -50.40 -16.13
OAH Y01 I . -33.31 -49.26 -16.05
OAF Y01 I . -31.63 -50.68 -16.37
CAA Y01 J . -16.59 -42.77 -23.06
CBA Y01 J . -16.72 -41.81 -21.89
CAB Y01 J . -16.89 -40.39 -22.40
CAN Y01 J . -15.44 -41.88 -21.07
CAJ Y01 J . -15.59 -41.07 -19.79
CAO Y01 J . -14.25 -41.00 -19.04
CBB Y01 J . -13.44 -39.85 -19.59
CAC Y01 J . -14.35 -38.64 -19.82
CBE Y01 J . -12.29 -39.50 -18.62
CAP Y01 J . -11.70 -40.75 -17.93
CAQ Y01 J . -10.18 -40.66 -18.06
CBG Y01 J . -9.96 -39.17 -18.29
CBI Y01 J . -11.06 -38.86 -19.32
CAE Y01 J . -10.79 -39.57 -20.65
CAU Y01 J . -11.12 -37.34 -19.50
CAS Y01 J . -9.77 -36.85 -19.98
CBF Y01 J . -8.66 -37.19 -18.99
CBD Y01 J . -8.60 -38.71 -18.79
CAK Y01 J . -7.54 -39.06 -17.76
CAI Y01 J . -6.25 -38.39 -18.07
CAZ Y01 J . -6.16 -37.24 -18.69
CAV Y01 J . -4.82 -36.59 -18.83
CBH Y01 J . -7.30 -36.64 -19.47
CAD Y01 J . -7.08 -36.94 -20.95
CAT Y01 J . -7.31 -35.12 -19.25
CAR Y01 J . -5.95 -34.52 -19.58
CBC Y01 J . -4.94 -35.09 -18.59
OAW Y01 J . -3.70 -34.47 -18.86
CAY Y01 J . -2.92 -34.16 -17.78
OAG Y01 J . -3.29 -34.53 -16.69
CAM Y01 J . -1.68 -33.37 -18.09
CAL Y01 J . -0.83 -33.28 -16.83
CAX Y01 J . 0.62 -32.82 -17.13
OAH Y01 J . 0.86 -32.46 -18.30
OAF Y01 J . 1.45 -32.83 -16.17
C01 8IO K . -24.63 -32.33 -26.71
C02 8IO K . -24.38 -30.98 -27.39
C03 8IO K . -23.81 -29.87 -26.45
C04 8IO K . -24.65 -28.56 -26.36
C05 8IO K . -23.91 -27.26 -25.91
C06 8IO K . -24.37 -26.58 -24.57
C07 8IO K . -24.62 -25.02 -24.55
C08 8IO K . -24.05 -24.20 -23.32
C09 8IO K . -24.12 -22.63 -23.40
C10 8IO K . -23.19 -21.77 -22.44
C11 8IO K . -22.88 -22.33 -21.01
C12 8IO K . -21.67 -21.71 -20.19
C13 8IO K . -21.92 -21.20 -18.72
C14 8IO K . -20.87 -21.56 -17.59
C15 8IO K . -21.08 -20.90 -16.16
C16 8IO K . -20.40 -19.52 -15.88
C17 8IO K . -19.98 -18.63 -17.11
C18 8IO K . -18.99 -17.45 -16.84
C21 8IO K . -16.64 -16.94 -16.36
C22 8IO K . -15.34 -17.86 -16.27
C23 8IO K . -15.01 -18.16 -14.74
C29 8IO K . -13.19 -14.73 -14.06
C30 8IO K . -13.22 -13.17 -13.91
C31 8IO K . -12.55 -12.40 -15.12
C32 8IO K . -12.57 -13.19 -16.46
C33 8IO K . -11.77 -14.52 -16.30
C34 8IO K . -11.99 -15.22 -14.92
C41 8IO K . -14.52 -16.38 -18.11
C43 8IO K . -14.59 -17.03 -19.53
C44 8IO K . -13.58 -18.21 -19.79
C45 8IO K . -13.05 -18.47 -21.26
C46 8IO K . -13.28 -19.89 -21.86
C47 8IO K . -12.06 -20.85 -22.07
C48 8IO K . -11.80 -21.40 -23.50
C49 8IO K . -10.50 -20.95 -24.19
C50 8IO K . -10.01 -21.87 -25.27
C51 8IO K . -9.94 -21.36 -26.52
C52 8IO K . -10.31 -19.97 -26.95
C53 8IO K . -9.52 -19.38 -28.16
C54 8IO K . -9.35 -20.36 -29.37
C55 8IO K . -8.15 -20.10 -30.31
C56 8IO K . -8.17 -20.84 -31.67
C57 8IO K . -6.79 -21.09 -32.30
O19 8IO K . -19.20 -16.34 -17.28
O20 8IO K . -17.86 -17.66 -16.08
O24 8IO K . -15.15 -17.06 -13.92
O26 8IO K . -13.48 -17.90 -12.15
O27 8IO K . -15.27 -16.10 -11.54
O28 8IO K . -13.21 -15.35 -12.84
O35 8IO K . -12.35 -16.54 -15.23
O36 8IO K . -10.40 -14.22 -16.44
O37 8IO K . -13.89 -13.48 -16.84
O38 8IO K . -13.21 -11.18 -15.33
O39 8IO K . -12.49 -12.83 -12.78
O40 8IO K . -14.24 -17.16 -16.97
O42 8IO K . -14.69 -15.20 -17.98
P25 8IO K . -14.23 -16.71 -12.48
#